data_7G7K
#
_entry.id   7G7K
#
_cell.length_a   84.080
_cell.length_b   92.048
_cell.length_c   120.021
_cell.angle_alpha   90.000
_cell.angle_beta   90.000
_cell.angle_gamma   90.000
#
_symmetry.space_group_name_H-M   'P 21 21 21'
#
loop_
_entity.id
_entity.type
_entity.pdbx_description
1 polymer 'Isoform 2 of Ectonucleotide pyrophosphatase/phosphodiesterase family member 2'
2 branched alpha-D-mannopyranose-(1-2)-alpha-D-mannopyranose-(1-3)-alpha-D-mannopyranose-(1-6)-[alpha-D-mannopyranose-(1-2)-alpha-D-mannopyranose-(1-3)]beta-D-mannopyranose-(1-4)-2-acetamido-2-deoxy-beta-D-glucopyranose-(1-4)-2-acetamido-2-deoxy-beta-D-glucopyranose
3 non-polymer N-[(3-chloro-4-cyanophenyl)methyl]-N-methyl-2-[6-{1-[(2R)-oxetane-2-carbonyl]piperidin-4-yl}-4-oxoquinazolin-3(4H)-yl]acetamide
4 non-polymer 'CHLORIDE ION'
5 non-polymer 'ACETATE ION'
6 non-polymer 'CALCIUM ION'
7 non-polymer 'POTASSIUM ION'
8 non-polymer 'ZINC ION'
9 non-polymer 'SODIUM ION'
10 water water
#
_entity_poly.entity_id   1
_entity_poly.type   'polypeptide(L)'
_entity_poly.pdbx_seq_one_letter_code
;FTASRIKRAEWDEGPPTVLSDSPWTATSGSCKGRCFELQEVGPPDCRCDNLCKSYSSCCHDFDELCLKTARGWECTKDRC
GEVRNEENACHCSEDCLSRGDCCTNYQVVCKGESHWVDDDCEEIKVPECPAGFVRPPLIIFSVDGFRASYMKKGSKVMPN
IEKLRSCGTHAPYMRPVYPTKTFPNLYTLATGLYPESHGIVGNSMYDPVFDASFHLRGREKFNHRWWGGQPLWITATKQG
VRAGTFFWSVSIPHERRILTILQWLSLPDNERPSVYAFYSEQPDFSGHKYGPFGPEMTNPLREIDKTVGQLMDGLKQLRL
HRCVNVIFVGDHGMEDVTCDRTEFLSNYLTNVDDITLVPGTLGRIRAKSINNSKYDPKTIIAALTCKKPDQHFKPYMKQH
LPKRLHYANNRRIEDIHLLVDRRWHVARKPLDVYKKPSGKCFFQGDHGFDNKVNSMQTVFVGYGPTFKYRTKVPPFENIE
LYNVMCDLLGLKPAPNNGTHGSLNHLLRTNTFRPTMPDEVSRPNYPGIMYLQSEFDLGCTCDDKVEPKNKLEELNKRLHT
KGSTKERHLLYGRPAVLYRTSYDILYHTDFESGYSEIFLMPLWTSYTISKQAEVSSIPEHLTNCVRPDVRVSPGFSQNCL
AYKNDKQMSYGFLFPPYLSSSPEAKYDAFLVTNMVPMYPAFKRVWAYFQRVLVKKYASERNGVNVISGPIFDYNYDGLRD
TEDEIKQYVEGSSIPVPTHYYSIITSCLDFTQPADKCDGPLSVSSFILPHRPDNDESCNSSEDESKWVEELMKMHTARVR
DIEHLTGLDFYRKTSRSYSEILTLKTYLHTYESEIGGRHHHHHHHH
;
_entity_poly.pdbx_strand_id   A
#
loop_
_chem_comp.id
_chem_comp.type
_chem_comp.name
_chem_comp.formula
ACT non-polymer 'ACETATE ION' 'C2 H3 O2 -1'
BMA D-saccharide, beta linking beta-D-mannopyranose 'C6 H12 O6'
CA non-polymer 'CALCIUM ION' 'Ca 2'
CL non-polymer 'CHLORIDE ION' 'Cl -1'
K non-polymer 'POTASSIUM ION' 'K 1'
MAN D-saccharide, alpha linking alpha-D-mannopyranose 'C6 H12 O6'
NA non-polymer 'SODIUM ION' 'Na 1'
NAG D-saccharide, beta linking 2-acetamido-2-deoxy-beta-D-glucopyranose 'C8 H15 N O6'
XTB non-polymer N-[(3-chloro-4-cyanophenyl)methyl]-N-methyl-2-[6-{1-[(2R)-oxetane-2-carbonyl]piperidin-4-yl}-4-oxoquinazolin-3(4H)-yl]acetamide 'C28 H28 Cl N5 O4'
ZN non-polymer 'ZINC ION' 'Zn 2'
#
# COMPACT_ATOMS: atom_id res chain seq x y z
N TRP A 24 28.10 -4.48 -29.47
CA TRP A 24 28.41 -3.71 -30.72
C TRP A 24 27.23 -2.98 -31.36
N THR A 25 27.43 -1.68 -31.59
CA THR A 25 26.57 -0.86 -32.49
C THR A 25 27.40 -0.33 -33.67
N ALA A 26 26.88 -0.53 -34.89
CA ALA A 26 27.35 0.19 -36.07
C ALA A 26 26.58 1.52 -36.09
N THR A 27 27.08 2.47 -35.29
CA THR A 27 26.41 3.77 -35.01
C THR A 27 26.36 4.72 -36.24
N SER A 28 26.96 4.26 -37.34
CA SER A 28 27.02 4.98 -38.63
C SER A 28 25.72 4.94 -39.50
N GLY A 29 24.58 4.45 -38.96
CA GLY A 29 23.24 4.78 -39.52
C GLY A 29 22.82 6.21 -39.13
N SER A 30 21.60 6.63 -39.47
CA SER A 30 21.15 8.01 -39.24
C SER A 30 19.76 8.22 -38.57
N CYS A 31 19.62 9.29 -37.77
CA CYS A 31 18.29 9.62 -37.18
C CYS A 31 17.38 10.49 -38.04
N LYS A 32 17.84 10.80 -39.24
CA LYS A 32 17.09 11.64 -40.16
C LYS A 32 15.67 11.00 -40.31
N GLY A 33 14.65 11.81 -40.03
CA GLY A 33 13.24 11.34 -40.03
C GLY A 33 12.81 10.34 -38.95
N ARG A 34 13.63 10.12 -37.92
CA ARG A 34 13.42 9.06 -36.91
C ARG A 34 13.54 9.61 -35.46
N CYS A 35 13.61 10.93 -35.28
CA CYS A 35 13.87 11.50 -33.94
C CYS A 35 12.76 11.07 -32.97
N PHE A 36 13.15 10.42 -31.85
CA PHE A 36 12.19 9.98 -30.82
C PHE A 36 11.14 9.01 -31.41
N GLU A 37 11.62 8.16 -32.31
CA GLU A 37 10.79 7.14 -32.89
C GLU A 37 10.24 6.28 -31.74
N LEU A 38 9.08 5.71 -31.96
CA LEU A 38 8.41 4.98 -30.91
C LEU A 38 8.80 3.53 -30.87
N GLN A 39 9.07 2.90 -32.01
CA GLN A 39 9.55 1.51 -31.99
C GLN A 39 11.07 1.56 -31.98
N GLU A 40 11.63 1.11 -30.86
CA GLU A 40 13.05 0.90 -30.70
C GLU A 40 13.48 -0.18 -31.68
N VAL A 41 14.55 0.06 -32.45
CA VAL A 41 15.11 -0.98 -33.32
C VAL A 41 16.26 -1.81 -32.69
N GLY A 42 16.39 -3.04 -33.19
CA GLY A 42 17.31 -4.01 -32.64
C GLY A 42 18.73 -3.76 -33.13
N PRO A 43 19.71 -3.84 -32.21
CA PRO A 43 21.15 -4.05 -32.54
C PRO A 43 21.46 -4.99 -33.76
N PRO A 44 22.57 -4.76 -34.48
CA PRO A 44 23.48 -3.63 -34.22
C PRO A 44 23.16 -2.34 -35.01
N ASP A 45 21.93 -2.18 -35.50
CA ASP A 45 21.47 -0.89 -36.09
C ASP A 45 21.31 0.11 -34.95
N CYS A 46 21.63 1.37 -35.25
CA CYS A 46 21.61 2.39 -34.24
C CYS A 46 20.17 2.91 -33.98
N ARG A 47 19.99 3.52 -32.80
CA ARG A 47 18.69 3.91 -32.27
C ARG A 47 18.54 5.42 -32.20
N CYS A 48 17.28 5.89 -32.20
CA CYS A 48 16.90 7.29 -32.21
C CYS A 48 15.73 7.55 -31.21
N ASP A 49 15.41 6.54 -30.40
CA ASP A 49 14.31 6.62 -29.39
C ASP A 49 14.79 7.29 -28.08
N ASN A 50 13.85 7.65 -27.18
CA ASN A 50 14.19 8.42 -25.98
C ASN A 50 15.07 7.69 -24.94
N LEU A 51 15.43 6.44 -25.23
CA LEU A 51 16.35 5.71 -24.36
C LEU A 51 17.73 5.47 -24.97
N CYS A 52 17.97 5.90 -26.21
CA CYS A 52 19.22 5.46 -26.84
C CYS A 52 20.47 5.96 -26.05
N LYS A 53 20.40 7.17 -25.49
CA LYS A 53 21.46 7.72 -24.64
C LYS A 53 21.82 6.84 -23.49
N SER A 54 20.84 6.13 -22.90
CA SER A 54 21.13 5.33 -21.70
C SER A 54 21.96 4.13 -22.09
N TYR A 55 21.74 3.64 -23.30
CA TYR A 55 22.42 2.44 -23.85
C TYR A 55 23.71 2.77 -24.64
N SER A 56 24.09 4.06 -24.70
CA SER A 56 25.18 4.55 -25.61
C SER A 56 25.04 4.01 -27.04
N SER A 57 23.84 4.06 -27.59
CA SER A 57 23.54 3.36 -28.84
C SER A 57 22.86 4.24 -29.89
N CYS A 58 22.82 5.55 -29.62
CA CYS A 58 22.24 6.53 -30.53
C CYS A 58 23.06 6.60 -31.80
N CYS A 59 22.39 6.88 -32.93
CA CYS A 59 23.10 7.14 -34.19
C CYS A 59 23.99 8.37 -34.04
N HIS A 60 25.08 8.38 -34.84
CA HIS A 60 26.07 9.47 -34.82
C HIS A 60 25.46 10.84 -34.81
N ASP A 61 24.29 11.03 -35.46
CA ASP A 61 23.69 12.37 -35.61
C ASP A 61 22.47 12.67 -34.73
N PHE A 62 22.28 11.81 -33.72
CA PHE A 62 21.20 11.99 -32.77
C PHE A 62 21.24 13.37 -32.16
N ASP A 63 22.40 13.81 -31.63
CA ASP A 63 22.43 15.15 -30.98
C ASP A 63 22.04 16.24 -31.92
N GLU A 64 22.60 16.15 -33.14
CA GLU A 64 22.47 17.20 -34.13
C GLU A 64 20.99 17.30 -34.55
N LEU A 65 20.41 16.17 -34.94
CA LEU A 65 19.01 16.13 -35.43
C LEU A 65 17.94 16.18 -34.35
N CYS A 66 18.13 15.43 -33.27
CA CYS A 66 17.06 15.21 -32.27
C CYS A 66 17.18 16.06 -31.04
N LEU A 67 18.39 16.54 -30.71
CA LEU A 67 18.55 17.38 -29.51
C LEU A 67 18.95 18.82 -29.84
N LYS A 68 18.19 19.43 -30.74
CA LYS A 68 18.37 20.84 -31.12
C LYS A 68 18.12 21.70 -29.94
N THR A 69 18.88 22.79 -29.87
CA THR A 69 18.85 23.72 -28.71
C THR A 69 18.85 25.19 -29.16
N ALA A 70 19.16 25.41 -30.44
CA ALA A 70 19.35 26.78 -30.94
C ALA A 70 18.15 27.63 -30.67
N ARG A 71 18.43 28.74 -30.00
CA ARG A 71 17.54 29.85 -29.72
C ARG A 71 16.63 29.54 -28.55
N GLY A 72 16.90 28.44 -27.85
CA GLY A 72 16.22 28.14 -26.58
C GLY A 72 14.79 27.67 -26.78
N TRP A 73 13.97 27.86 -25.74
CA TRP A 73 12.70 27.16 -25.62
C TRP A 73 11.48 28.05 -25.71
N GLU A 74 11.68 29.34 -25.99
CA GLU A 74 10.55 30.28 -26.00
C GLU A 74 10.50 31.15 -27.24
N CYS A 75 9.31 31.32 -27.82
CA CYS A 75 9.08 32.42 -28.75
C CYS A 75 9.21 33.79 -28.08
N THR A 76 9.82 34.74 -28.81
CA THR A 76 9.90 36.18 -28.45
C THR A 76 9.22 36.95 -29.58
N LYS A 77 8.82 38.19 -29.32
CA LYS A 77 8.08 39.01 -30.32
C LYS A 77 8.76 39.09 -31.69
N ASP A 78 10.09 39.18 -31.71
CA ASP A 78 10.82 39.28 -32.98
C ASP A 78 10.92 37.97 -33.80
N ARG A 79 10.63 36.83 -33.16
CA ARG A 79 10.60 35.54 -33.88
C ARG A 79 9.23 35.29 -34.49
N CYS A 80 8.23 36.06 -34.07
CA CYS A 80 6.88 35.84 -34.58
C CYS A 80 6.82 35.89 -36.10
N GLY A 81 6.20 34.87 -36.67
CA GLY A 81 6.12 34.64 -38.11
C GLY A 81 7.43 34.50 -38.87
N GLU A 82 8.56 34.35 -38.16
CA GLU A 82 9.88 34.10 -38.76
C GLU A 82 9.81 33.08 -39.90
N VAL A 83 10.85 33.07 -40.73
CA VAL A 83 11.02 32.05 -41.76
C VAL A 83 11.54 30.79 -41.04
N ARG A 84 10.89 29.64 -41.27
CA ARG A 84 11.34 28.38 -40.65
C ARG A 84 12.86 28.10 -40.80
N ASN A 85 13.53 27.90 -39.67
CA ASN A 85 14.90 27.47 -39.59
C ASN A 85 14.91 26.14 -38.81
N GLU A 86 15.31 25.06 -39.48
CA GLU A 86 15.17 23.71 -38.93
C GLU A 86 16.16 23.41 -37.81
N GLU A 87 17.16 24.26 -37.67
CA GLU A 87 18.16 24.20 -36.60
C GLU A 87 17.58 24.58 -35.22
N ASN A 88 16.51 25.37 -35.22
CA ASN A 88 15.96 25.90 -33.99
C ASN A 88 15.38 24.77 -33.11
N ALA A 89 15.41 24.98 -31.79
CA ALA A 89 14.89 24.02 -30.81
C ALA A 89 13.39 23.84 -30.95
N CYS A 90 12.71 24.94 -31.22
CA CYS A 90 11.27 24.93 -31.47
C CYS A 90 11.01 26.16 -32.36
N HIS A 91 9.76 26.34 -32.80
CA HIS A 91 9.49 27.24 -33.92
C HIS A 91 8.47 28.29 -33.64
N CYS A 92 8.60 29.43 -34.31
CA CYS A 92 7.66 30.54 -34.13
C CYS A 92 7.13 30.99 -35.49
N SER A 93 7.50 30.24 -36.51
CA SER A 93 7.02 30.45 -37.87
C SER A 93 5.56 30.09 -38.03
N GLU A 94 4.91 30.70 -39.03
CA GLU A 94 3.50 30.54 -39.28
C GLU A 94 3.09 29.08 -39.42
N ASP A 95 3.98 28.27 -39.97
CA ASP A 95 3.63 26.89 -40.25
C ASP A 95 3.77 25.95 -39.03
N CYS A 96 4.06 26.48 -37.85
CA CYS A 96 4.53 25.58 -36.77
C CYS A 96 3.38 24.72 -36.20
N LEU A 97 2.21 25.32 -36.06
CA LEU A 97 1.03 24.61 -35.56
C LEU A 97 0.72 23.34 -36.38
N SER A 98 0.60 23.47 -37.72
CA SER A 98 0.39 22.31 -38.62
C SER A 98 1.53 21.28 -38.61
N ARG A 99 2.78 21.76 -38.42
CA ARG A 99 3.96 20.88 -38.23
C ARG A 99 4.05 20.26 -36.80
N GLY A 100 3.26 20.80 -35.85
CA GLY A 100 3.25 20.33 -34.43
C GLY A 100 4.51 20.61 -33.60
N ASP A 101 5.31 21.60 -34.02
CA ASP A 101 6.59 21.84 -33.37
C ASP A 101 6.81 23.31 -32.96
N CYS A 102 5.75 24.08 -32.72
CA CYS A 102 5.89 25.40 -32.10
C CYS A 102 6.51 25.30 -30.70
N CYS A 103 7.18 26.38 -30.27
CA CYS A 103 7.51 26.58 -28.84
C CYS A 103 6.19 26.64 -28.12
N THR A 104 6.17 26.23 -26.86
CA THR A 104 4.89 26.05 -26.19
C THR A 104 4.20 27.40 -25.96
N ASN A 105 4.96 28.49 -25.90
CA ASN A 105 4.35 29.81 -25.71
C ASN A 105 4.04 30.60 -27.01
N TYR A 106 4.15 29.92 -28.15
CA TYR A 106 3.96 30.55 -29.47
C TYR A 106 2.68 31.32 -29.60
N GLN A 107 1.56 30.70 -29.26
CA GLN A 107 0.29 31.37 -29.33
C GLN A 107 0.22 32.54 -28.36
N VAL A 108 0.91 32.43 -27.23
CA VAL A 108 0.86 33.52 -26.23
C VAL A 108 1.60 34.77 -26.77
N VAL A 109 2.83 34.56 -27.22
CA VAL A 109 3.64 35.65 -27.74
C VAL A 109 3.10 36.16 -29.10
N CYS A 110 2.90 35.26 -30.03
CA CYS A 110 2.64 35.62 -31.40
C CYS A 110 1.16 35.73 -31.78
N LYS A 111 0.24 35.23 -30.96
CA LYS A 111 -1.19 35.34 -31.35
C LYS A 111 -2.08 35.98 -30.30
N GLY A 112 -1.49 36.65 -29.31
CA GLY A 112 -2.29 37.32 -28.27
C GLY A 112 -3.10 36.39 -27.36
N GLU A 113 -2.79 35.08 -27.38
CA GLU A 113 -3.42 34.12 -26.48
C GLU A 113 -2.96 34.24 -25.01
N SER A 114 -3.76 33.72 -24.10
CA SER A 114 -3.43 33.70 -22.67
C SER A 114 -2.80 32.32 -22.30
N HIS A 115 -1.80 32.34 -21.39
CA HIS A 115 -1.31 31.11 -20.75
C HIS A 115 -2.47 30.39 -20.11
N TRP A 116 -2.43 29.06 -20.21
CA TRP A 116 -3.42 28.21 -19.58
C TRP A 116 -3.66 28.57 -18.12
N VAL A 117 -2.60 28.82 -17.36
CA VAL A 117 -2.76 29.13 -15.89
C VAL A 117 -3.55 30.42 -15.63
N ASP A 118 -3.54 31.34 -16.61
CA ASP A 118 -4.31 32.60 -16.44
C ASP A 118 -5.79 32.50 -16.78
N ASP A 119 -6.20 31.38 -17.37
CA ASP A 119 -7.60 31.20 -17.69
C ASP A 119 -8.33 30.70 -16.47
N ASP A 120 -9.57 31.16 -16.32
CA ASP A 120 -10.44 30.70 -15.23
C ASP A 120 -10.61 29.23 -15.33
N CYS A 121 -10.86 28.56 -14.22
CA CYS A 121 -11.22 27.22 -14.54
C CYS A 121 -12.68 26.95 -14.83
N GLU A 122 -12.89 26.09 -15.80
CA GLU A 122 -14.22 25.78 -16.30
CA GLU A 122 -14.21 25.79 -16.34
C GLU A 122 -14.34 24.30 -16.27
N GLU A 123 -15.41 23.82 -15.66
CA GLU A 123 -15.73 22.41 -15.66
C GLU A 123 -15.62 21.72 -17.04
N ILE A 124 -14.94 20.61 -17.08
CA ILE A 124 -14.90 19.84 -18.33
C ILE A 124 -15.94 18.73 -18.18
N LYS A 125 -17.14 18.96 -18.72
CA LYS A 125 -18.23 18.01 -18.53
C LYS A 125 -18.15 16.87 -19.51
N VAL A 126 -17.63 17.13 -20.70
CA VAL A 126 -17.42 16.10 -21.67
C VAL A 126 -16.06 16.32 -22.31
N PRO A 127 -15.44 15.24 -22.86
CA PRO A 127 -14.18 15.50 -23.58
C PRO A 127 -14.43 16.37 -24.79
N GLU A 128 -13.56 17.36 -24.97
CA GLU A 128 -13.63 18.27 -26.10
C GLU A 128 -12.39 18.04 -26.93
N CYS A 129 -12.51 17.11 -27.87
CA CYS A 129 -11.33 16.57 -28.53
C CYS A 129 -11.39 16.90 -30.04
N PRO A 130 -10.23 17.12 -30.69
CA PRO A 130 -10.19 17.25 -32.19
C PRO A 130 -10.70 16.00 -32.86
N ALA A 131 -11.06 16.14 -34.14
CA ALA A 131 -11.54 15.02 -34.95
C ALA A 131 -10.45 13.96 -35.05
N GLY A 132 -10.86 12.70 -35.02
CA GLY A 132 -9.92 11.58 -35.05
C GLY A 132 -9.42 11.07 -33.69
N PHE A 133 -9.60 11.84 -32.64
CA PHE A 133 -9.28 11.30 -31.30
C PHE A 133 -10.32 10.24 -30.86
N VAL A 134 -9.92 8.96 -30.76
CA VAL A 134 -10.84 7.82 -30.39
C VAL A 134 -11.28 7.82 -28.87
N ARG A 135 -10.56 8.59 -28.03
CA ARG A 135 -10.58 8.47 -26.57
C ARG A 135 -9.67 9.61 -26.07
N PRO A 136 -9.96 10.15 -24.90
CA PRO A 136 -9.05 11.13 -24.28
C PRO A 136 -7.63 10.50 -23.98
N PRO A 137 -6.54 11.09 -24.51
CA PRO A 137 -5.22 10.56 -24.12
C PRO A 137 -5.00 10.72 -22.59
N LEU A 138 -4.10 9.90 -22.05
CA LEU A 138 -3.72 10.02 -20.65
C LEU A 138 -2.23 10.49 -20.63
N ILE A 139 -1.97 11.58 -19.89
CA ILE A 139 -0.57 12.00 -19.71
C ILE A 139 -0.27 11.86 -18.21
N ILE A 140 0.79 11.12 -17.91
CA ILE A 140 1.21 10.91 -16.50
C ILE A 140 2.44 11.78 -16.29
N PHE A 141 2.38 12.73 -15.36
CA PHE A 141 3.49 13.68 -15.13
C PHE A 141 4.05 13.22 -13.72
N SER A 142 5.13 12.44 -13.69
CA SER A 142 5.69 11.87 -12.44
C SER A 142 6.79 12.77 -11.91
N VAL A 143 6.69 13.08 -10.64
CA VAL A 143 7.70 13.95 -10.02
C VAL A 143 8.39 13.23 -8.88
N ASP A 144 9.68 13.13 -8.99
CA ASP A 144 10.51 12.39 -8.05
C ASP A 144 10.71 13.22 -6.75
N GLY A 145 10.44 12.59 -5.62
CA GLY A 145 10.70 13.22 -4.31
C GLY A 145 9.75 14.33 -3.95
N PHE A 146 8.57 14.41 -4.60
CA PHE A 146 7.67 15.48 -4.40
C PHE A 146 6.83 15.17 -3.15
N ARG A 147 7.29 15.66 -2.02
CA ARG A 147 6.62 15.43 -0.72
C ARG A 147 5.22 16.09 -0.67
N ALA A 148 4.26 15.42 -0.02
CA ALA A 148 2.85 15.83 -0.05
C ALA A 148 2.70 17.28 0.45
N SER A 149 3.43 17.67 1.49
CA SER A 149 3.17 19.01 2.03
C SER A 149 3.72 20.15 1.14
N TYR A 150 4.47 19.80 0.08
CA TYR A 150 4.83 20.88 -0.91
C TYR A 150 3.63 21.55 -1.53
N MET A 151 2.48 20.83 -1.59
CA MET A 151 1.28 21.40 -2.20
C MET A 151 0.82 22.64 -1.47
N LYS A 152 0.89 22.57 -0.13
CA LYS A 152 0.54 23.74 0.66
C LYS A 152 1.78 24.68 0.76
N LYS A 153 2.93 24.12 1.14
CA LYS A 153 4.09 24.95 1.53
C LYS A 153 4.74 25.67 0.35
N GLY A 154 4.69 25.08 -0.82
CA GLY A 154 5.23 25.70 -2.03
C GLY A 154 4.16 26.35 -2.90
N SER A 155 2.95 26.48 -2.38
CA SER A 155 1.80 26.96 -3.17
C SER A 155 1.98 28.30 -3.85
N LYS A 156 2.67 29.22 -3.22
CA LYS A 156 2.92 30.55 -3.80
C LYS A 156 3.81 30.51 -5.02
N VAL A 157 4.60 29.45 -5.18
CA VAL A 157 5.49 29.42 -6.34
C VAL A 157 5.11 28.39 -7.41
N MET A 158 3.92 27.79 -7.27
CA MET A 158 3.55 26.72 -8.20
C MET A 158 2.16 26.95 -8.79
N PRO A 159 1.96 28.09 -9.50
CA PRO A 159 0.61 28.43 -9.90
C PRO A 159 -0.08 27.38 -10.84
N ASN A 160 0.66 26.81 -11.82
CA ASN A 160 0.13 25.80 -12.74
C ASN A 160 -0.34 24.56 -11.98
N ILE A 161 0.53 24.08 -11.08
CA ILE A 161 0.23 22.89 -10.25
C ILE A 161 -0.96 23.15 -9.33
N GLU A 162 -1.00 24.35 -8.73
CA GLU A 162 -2.10 24.74 -7.89
C GLU A 162 -3.39 24.83 -8.60
N LYS A 163 -3.36 25.31 -9.85
CA LYS A 163 -4.57 25.27 -10.68
C LYS A 163 -5.05 23.83 -11.01
N LEU A 164 -4.14 22.97 -11.44
CA LEU A 164 -4.47 21.55 -11.65
C LEU A 164 -5.17 21.00 -10.38
N ARG A 165 -4.53 21.29 -9.26
CA ARG A 165 -4.99 20.75 -7.97
C ARG A 165 -6.37 21.26 -7.57
N SER A 166 -6.57 22.58 -7.58
CA SER A 166 -7.89 23.11 -7.14
C SER A 166 -9.01 22.86 -8.16
N CYS A 167 -8.67 22.83 -9.44
CA CYS A 167 -9.68 22.63 -10.47
CA CYS A 167 -9.65 22.62 -10.52
C CYS A 167 -10.05 21.14 -10.73
N GLY A 168 -9.09 20.25 -10.53
CA GLY A 168 -9.31 18.82 -10.78
C GLY A 168 -9.74 18.09 -9.52
N THR A 169 -9.26 16.86 -9.44
CA THR A 169 -9.50 15.99 -8.31
C THR A 169 -8.16 15.81 -7.58
N HIS A 170 -8.14 15.90 -6.27
CA HIS A 170 -6.82 15.77 -5.60
C HIS A 170 -7.05 15.09 -4.27
N ALA A 171 -5.99 14.47 -3.79
CA ALA A 171 -5.99 13.92 -2.44
C ALA A 171 -5.04 14.77 -1.60
N PRO A 172 -5.27 14.82 -0.29
CA PRO A 172 -4.33 15.55 0.60
C PRO A 172 -2.95 14.94 0.53
N TYR A 173 -2.89 13.62 0.24
CA TYR A 173 -1.63 12.93 0.01
C TYR A 173 -1.93 11.59 -0.49
N MET A 174 -0.90 10.98 -1.04
CA MET A 174 -0.97 9.63 -1.58
C MET A 174 0.10 8.84 -0.89
N ARG A 175 -0.27 7.66 -0.42
CA ARG A 175 0.71 6.74 0.29
C ARG A 175 1.54 5.91 -0.67
N PRO A 176 2.88 6.09 -0.59
CA PRO A 176 3.77 5.23 -1.40
C PRO A 176 3.81 3.80 -0.91
N VAL A 177 4.50 2.92 -1.65
CA VAL A 177 4.78 1.59 -1.11
C VAL A 177 6.11 1.58 -0.33
N TYR A 178 6.31 0.58 0.52
CA TYR A 178 7.66 0.35 1.15
C TYR A 178 8.54 -0.56 0.29
N PRO A 179 9.86 -0.28 0.12
CA PRO A 179 10.53 0.89 0.61
C PRO A 179 10.21 2.13 -0.22
N THR A 180 10.22 3.27 0.45
CA THR A 180 9.84 4.50 -0.19
C THR A 180 10.98 5.10 -0.98
N LYS A 181 11.44 4.28 -1.90
CA LYS A 181 12.49 4.53 -2.87
C LYS A 181 11.87 4.71 -4.28
N THR A 182 12.69 5.23 -5.20
CA THR A 182 12.25 5.60 -6.55
C THR A 182 11.80 4.49 -7.42
N PHE A 183 12.68 3.53 -7.67
CA PHE A 183 12.34 2.47 -8.61
C PHE A 183 11.17 1.59 -8.13
N PRO A 184 11.18 1.23 -6.84
CA PRO A 184 10.03 0.41 -6.39
C PRO A 184 8.73 1.17 -6.54
N ASN A 185 8.73 2.46 -6.19
CA ASN A 185 7.48 3.21 -6.36
C ASN A 185 7.02 3.51 -7.77
N LEU A 186 7.94 3.95 -8.62
CA LEU A 186 7.50 4.18 -10.03
C LEU A 186 6.99 2.89 -10.65
N TYR A 187 7.66 1.77 -10.41
CA TYR A 187 7.19 0.56 -11.05
C TYR A 187 5.89 0.03 -10.41
N THR A 188 5.67 0.30 -9.13
CA THR A 188 4.35 0.08 -8.49
C THR A 188 3.29 0.94 -9.19
N LEU A 189 3.57 2.23 -9.47
CA LEU A 189 2.58 3.05 -10.15
C LEU A 189 2.17 2.41 -11.48
N ALA A 190 3.18 1.91 -12.20
CA ALA A 190 2.98 1.30 -13.49
C ALA A 190 2.27 -0.08 -13.50
N THR A 191 2.28 -0.86 -12.40
CA THR A 191 1.81 -2.24 -12.42
C THR A 191 0.67 -2.51 -11.46
N GLY A 192 0.43 -1.60 -10.51
CA GLY A 192 -0.49 -1.88 -9.40
C GLY A 192 -0.04 -3.00 -8.43
N LEU A 193 1.27 -3.30 -8.39
CA LEU A 193 1.75 -4.45 -7.61
C LEU A 193 2.68 -3.99 -6.52
N TYR A 194 2.61 -4.66 -5.38
CA TYR A 194 3.64 -4.50 -4.35
C TYR A 194 5.05 -4.84 -4.92
N PRO A 195 6.10 -4.15 -4.47
CA PRO A 195 7.46 -4.50 -4.87
C PRO A 195 7.76 -6.00 -4.67
N GLU A 196 7.25 -6.66 -3.60
CA GLU A 196 7.49 -8.10 -3.49
C GLU A 196 6.99 -8.92 -4.65
N SER A 197 5.93 -8.43 -5.35
CA SER A 197 5.38 -9.13 -6.47
C SER A 197 5.99 -8.66 -7.79
N HIS A 198 6.23 -7.36 -7.96
CA HIS A 198 6.84 -6.92 -9.24
C HIS A 198 8.37 -7.17 -9.32
N GLY A 199 8.98 -7.38 -8.16
CA GLY A 199 10.43 -7.68 -8.08
C GLY A 199 11.41 -6.57 -7.97
N ILE A 200 10.95 -5.30 -8.12
CA ILE A 200 11.83 -4.19 -7.89
C ILE A 200 11.75 -3.79 -6.41
N VAL A 201 12.56 -4.43 -5.57
CA VAL A 201 12.28 -4.44 -4.12
C VAL A 201 13.15 -3.39 -3.42
N GLY A 202 14.00 -2.74 -4.19
CA GLY A 202 14.82 -1.64 -3.67
C GLY A 202 15.45 -0.89 -4.84
N ASN A 203 16.12 0.22 -4.51
CA ASN A 203 16.93 0.99 -5.49
C ASN A 203 18.19 0.24 -5.83
N SER A 204 18.63 -0.61 -4.89
CA SER A 204 19.54 -1.68 -5.25
C SER A 204 19.09 -2.92 -4.57
N MET A 205 19.43 -4.04 -5.18
CA MET A 205 18.99 -5.31 -4.71
C MET A 205 19.96 -6.24 -5.34
N TYR A 206 20.18 -7.34 -4.65
CA TYR A 206 20.98 -8.46 -5.10
C TYR A 206 20.04 -9.62 -5.25
N ASP A 207 20.15 -10.32 -6.37
CA ASP A 207 19.32 -11.49 -6.55
C ASP A 207 20.28 -12.63 -6.33
N PRO A 208 19.99 -13.51 -5.35
CA PRO A 208 20.88 -14.65 -5.03
C PRO A 208 20.88 -15.71 -6.11
N VAL A 209 19.81 -15.79 -6.88
CA VAL A 209 19.79 -16.74 -7.97
C VAL A 209 20.55 -16.14 -9.18
N PHE A 210 20.34 -14.88 -9.53
CA PHE A 210 21.16 -14.28 -10.62
C PHE A 210 22.67 -14.08 -10.23
N ASP A 211 22.97 -14.15 -8.94
CA ASP A 211 24.28 -13.68 -8.42
C ASP A 211 24.65 -12.28 -9.07
N ALA A 212 23.68 -11.34 -9.02
CA ALA A 212 23.78 -10.05 -9.70
C ALA A 212 23.11 -8.99 -8.85
N SER A 213 23.65 -7.79 -8.98
CA SER A 213 23.12 -6.62 -8.29
C SER A 213 22.54 -5.64 -9.29
N PHE A 214 21.35 -5.16 -8.95
CA PHE A 214 20.66 -4.15 -9.69
C PHE A 214 21.00 -2.85 -8.95
N HIS A 215 21.42 -1.84 -9.71
CA HIS A 215 21.61 -0.47 -9.20
C HIS A 215 20.99 0.55 -10.18
N LEU A 216 20.69 1.73 -9.65
CA LEU A 216 20.28 2.90 -10.46
C LEU A 216 21.30 3.18 -11.57
N ARG A 217 22.59 3.10 -11.24
CA ARG A 217 23.70 3.14 -12.22
C ARG A 217 23.89 1.78 -12.87
N GLY A 218 24.18 1.78 -14.16
CA GLY A 218 24.67 0.59 -14.82
C GLY A 218 23.68 0.01 -15.76
N ARG A 219 24.11 -1.03 -16.45
CA ARG A 219 23.37 -1.70 -17.50
C ARG A 219 22.51 -2.87 -16.97
N GLU A 220 22.78 -3.35 -15.75
CA GLU A 220 22.07 -4.54 -15.25
C GLU A 220 20.53 -4.30 -15.21
N LYS A 221 20.17 -3.11 -14.72
CA LYS A 221 18.76 -2.65 -14.68
C LYS A 221 18.07 -2.74 -16.04
N PHE A 222 18.85 -2.81 -17.14
CA PHE A 222 18.28 -2.92 -18.49
C PHE A 222 17.74 -4.28 -18.80
N ASN A 223 18.25 -5.31 -18.11
CA ASN A 223 17.78 -6.63 -18.41
C ASN A 223 16.32 -6.79 -17.87
N HIS A 224 15.43 -7.31 -18.72
CA HIS A 224 13.99 -7.38 -18.41
C HIS A 224 13.73 -8.34 -17.27
N ARG A 225 14.72 -9.18 -16.95
CA ARG A 225 14.47 -10.26 -15.98
C ARG A 225 14.23 -9.76 -14.54
N TRP A 226 14.65 -8.53 -14.26
CA TRP A 226 14.32 -7.95 -12.97
C TRP A 226 12.82 -7.57 -12.87
N TRP A 227 12.15 -7.35 -14.01
CA TRP A 227 10.93 -6.53 -13.99
C TRP A 227 9.72 -7.41 -14.19
N GLY A 228 8.97 -7.69 -13.11
CA GLY A 228 7.87 -8.66 -13.18
C GLY A 228 6.56 -7.90 -13.34
N GLY A 229 5.46 -8.63 -13.28
CA GLY A 229 4.16 -8.00 -13.52
C GLY A 229 3.97 -7.54 -14.96
N GLN A 230 2.97 -6.70 -15.20
CA GLN A 230 2.62 -6.23 -16.50
C GLN A 230 2.39 -4.72 -16.35
N PRO A 231 3.38 -3.92 -16.73
CA PRO A 231 3.19 -2.46 -16.62
C PRO A 231 2.18 -1.91 -17.63
N LEU A 232 1.65 -0.69 -17.32
CA LEU A 232 0.57 -0.07 -18.08
C LEU A 232 0.85 -0.06 -19.59
N TRP A 233 2.09 0.20 -19.97
CA TRP A 233 2.36 0.31 -21.42
C TRP A 233 2.18 -0.99 -22.17
N ILE A 234 2.41 -2.11 -21.47
CA ILE A 234 2.26 -3.46 -22.01
C ILE A 234 0.81 -3.84 -21.99
N THR A 235 0.12 -3.50 -20.90
CA THR A 235 -1.32 -3.73 -20.83
C THR A 235 -1.98 -2.99 -22.00
N ALA A 236 -1.55 -1.75 -22.24
CA ALA A 236 -2.16 -0.96 -23.30
C ALA A 236 -1.89 -1.60 -24.66
N THR A 237 -0.62 -1.87 -24.94
CA THR A 237 -0.18 -2.47 -26.24
C THR A 237 -0.90 -3.78 -26.56
N LYS A 238 -0.89 -4.71 -25.60
CA LYS A 238 -1.67 -5.96 -25.72
C LYS A 238 -3.13 -5.77 -26.10
N GLN A 239 -3.75 -4.65 -25.76
CA GLN A 239 -5.17 -4.46 -25.97
C GLN A 239 -5.42 -3.46 -27.07
N GLY A 240 -4.37 -3.17 -27.82
CA GLY A 240 -4.52 -2.36 -29.03
C GLY A 240 -4.49 -0.87 -28.77
N VAL A 241 -4.03 -0.47 -27.59
CA VAL A 241 -3.90 0.97 -27.28
C VAL A 241 -2.39 1.28 -27.31
N ARG A 242 -1.97 2.25 -28.11
CA ARG A 242 -0.55 2.55 -28.33
C ARG A 242 0.06 3.36 -27.16
N ALA A 243 1.27 3.06 -26.75
N ALA A 243 1.30 2.97 -26.81
CA ALA A 243 1.80 3.76 -25.58
CA ALA A 243 2.08 3.36 -25.59
C ALA A 243 3.11 4.51 -25.86
C ALA A 243 3.48 2.69 -25.58
N GLY A 244 3.29 5.73 -25.32
N GLY A 244 4.58 3.43 -25.35
CA GLY A 244 4.56 6.43 -25.31
CA GLY A 244 5.91 2.84 -25.17
C GLY A 244 5.58 5.82 -24.33
C GLY A 244 6.16 3.03 -23.71
N THR A 245 6.84 6.21 -24.43
N THR A 245 7.32 2.64 -23.25
CA THR A 245 7.86 5.62 -23.55
CA THR A 245 7.61 2.68 -21.83
C THR A 245 7.88 6.20 -22.11
C THR A 245 7.66 4.13 -21.33
N PHE A 246 7.73 5.34 -21.10
N PHE A 246 7.63 4.25 -20.01
CA PHE A 246 7.66 5.82 -19.70
CA PHE A 246 7.62 5.53 -19.32
C PHE A 246 9.01 6.16 -19.04
C PHE A 246 8.99 6.03 -18.87
N PHE A 247 10.05 5.39 -19.37
CA PHE A 247 11.47 5.69 -18.96
C PHE A 247 11.99 6.86 -19.79
N TRP A 248 12.89 7.66 -19.20
CA TRP A 248 13.56 8.73 -19.96
C TRP A 248 15.05 8.71 -19.64
N SER A 249 15.89 8.90 -20.66
CA SER A 249 17.35 9.14 -20.42
C SER A 249 17.56 10.46 -19.74
N VAL A 250 18.46 10.49 -18.75
CA VAL A 250 18.55 11.65 -17.85
C VAL A 250 19.03 12.90 -18.60
N SER A 251 19.82 12.70 -19.66
CA SER A 251 20.41 13.85 -20.36
C SER A 251 19.46 14.51 -21.35
N ILE A 252 18.30 13.89 -21.63
CA ILE A 252 17.28 14.64 -22.37
C ILE A 252 16.65 15.74 -21.51
N PRO A 253 16.83 17.06 -21.86
CA PRO A 253 16.34 18.05 -20.93
C PRO A 253 14.80 18.07 -20.89
N HIS A 254 14.25 18.56 -19.78
CA HIS A 254 12.78 18.63 -19.57
C HIS A 254 12.00 19.29 -20.70
N GLU A 255 12.55 20.37 -21.25
CA GLU A 255 11.84 21.12 -22.26
C GLU A 255 11.73 20.25 -23.52
N ARG A 256 12.74 19.41 -23.76
CA ARG A 256 12.74 18.57 -24.95
C ARG A 256 11.78 17.38 -24.72
N ARG A 257 11.69 16.86 -23.48
CA ARG A 257 10.68 15.83 -23.15
C ARG A 257 9.27 16.31 -23.45
N ILE A 258 8.94 17.53 -22.99
CA ILE A 258 7.62 18.12 -23.26
C ILE A 258 7.39 18.28 -24.76
N LEU A 259 8.38 18.85 -25.45
CA LEU A 259 8.17 19.07 -26.90
C LEU A 259 7.94 17.73 -27.61
N THR A 260 8.65 16.69 -27.17
CA THR A 260 8.56 15.36 -27.76
C THR A 260 7.14 14.77 -27.59
N ILE A 261 6.62 14.84 -26.36
CA ILE A 261 5.22 14.44 -26.07
C ILE A 261 4.26 15.22 -26.95
N LEU A 262 4.44 16.54 -27.06
CA LEU A 262 3.54 17.33 -27.91
C LEU A 262 3.61 16.95 -29.41
N GLN A 263 4.80 16.64 -29.89
CA GLN A 263 4.97 16.21 -31.30
C GLN A 263 4.28 14.84 -31.50
N TRP A 264 4.49 13.91 -30.57
CA TRP A 264 3.82 12.62 -30.66
C TRP A 264 2.32 12.79 -30.70
N LEU A 265 1.82 13.78 -29.98
CA LEU A 265 0.37 14.04 -29.98
C LEU A 265 -0.12 14.60 -31.32
N SER A 266 0.78 15.05 -32.18
CA SER A 266 0.39 15.55 -33.53
C SER A 266 0.56 14.48 -34.61
N LEU A 267 0.98 13.29 -34.22
CA LEU A 267 1.07 12.17 -35.15
C LEU A 267 -0.30 11.83 -35.75
N PRO A 268 -0.30 11.15 -36.93
CA PRO A 268 -1.60 10.69 -37.49
C PRO A 268 -2.28 9.71 -36.56
N ASP A 269 -3.61 9.72 -36.68
CA ASP A 269 -4.46 8.91 -35.78
C ASP A 269 -4.00 7.48 -35.61
N ASN A 270 -3.63 6.83 -36.70
CA ASN A 270 -3.21 5.45 -36.60
C ASN A 270 -1.82 5.28 -35.93
N GLU A 271 -1.02 6.34 -35.82
CA GLU A 271 0.34 6.22 -35.28
C GLU A 271 0.48 6.78 -33.85
N ARG A 272 -0.48 7.59 -33.44
CA ARG A 272 -0.37 8.40 -32.23
C ARG A 272 -0.64 7.58 -30.96
N PRO A 273 0.25 7.66 -29.94
CA PRO A 273 -0.06 6.94 -28.67
C PRO A 273 -1.26 7.51 -27.97
N SER A 274 -1.89 6.70 -27.13
CA SER A 274 -2.96 7.19 -26.25
C SER A 274 -2.47 7.40 -24.84
N VAL A 275 -1.29 6.94 -24.53
CA VAL A 275 -0.79 7.24 -23.15
C VAL A 275 0.65 7.72 -23.24
N TYR A 276 1.00 8.68 -22.39
CA TYR A 276 2.26 9.39 -22.42
C TYR A 276 2.74 9.55 -21.00
N ALA A 277 4.05 9.62 -20.86
CA ALA A 277 4.60 9.78 -19.48
C ALA A 277 5.72 10.81 -19.55
N PHE A 278 5.64 11.80 -18.66
CA PHE A 278 6.79 12.68 -18.44
C PHE A 278 7.34 12.35 -17.07
N TYR A 279 8.65 12.37 -16.90
CA TYR A 279 9.28 12.18 -15.59
C TYR A 279 10.23 13.33 -15.27
N SER A 280 10.23 13.75 -14.02
CA SER A 280 11.20 14.73 -13.54
C SER A 280 12.00 14.14 -12.39
N GLU A 281 13.34 14.25 -12.46
CA GLU A 281 14.30 13.95 -11.39
C GLU A 281 14.22 14.89 -10.18
N GLN A 282 13.57 16.02 -10.36
CA GLN A 282 13.35 17.02 -9.34
C GLN A 282 11.93 16.89 -8.78
N PRO A 283 11.68 17.26 -7.53
CA PRO A 283 12.65 17.93 -6.66
C PRO A 283 13.58 17.03 -5.85
N ASP A 284 13.51 15.69 -6.06
CA ASP A 284 14.33 14.71 -5.35
C ASP A 284 15.85 15.09 -5.38
N PHE A 285 16.35 15.37 -6.57
CA PHE A 285 17.77 15.63 -6.74
C PHE A 285 18.29 16.75 -5.80
N SER A 286 17.62 17.88 -5.77
CA SER A 286 17.97 18.94 -4.86
C SER A 286 17.61 18.60 -3.42
N GLY A 287 16.48 17.91 -3.21
CA GLY A 287 16.07 17.48 -1.82
C GLY A 287 17.17 16.68 -1.10
N HIS A 288 17.88 15.82 -1.80
CA HIS A 288 18.93 15.06 -1.18
C HIS A 288 20.05 16.04 -0.69
N LYS A 289 20.35 17.04 -1.53
CA LYS A 289 21.45 17.97 -1.18
C LYS A 289 21.05 18.97 -0.08
N TYR A 290 19.81 19.41 -0.07
CA TYR A 290 19.44 20.56 0.74
C TYR A 290 18.44 20.27 1.82
N GLY A 291 17.94 19.02 1.83
CA GLY A 291 16.85 18.69 2.76
C GLY A 291 15.49 19.08 2.16
N PRO A 292 14.40 18.59 2.75
CA PRO A 292 13.11 18.80 2.11
C PRO A 292 12.65 20.22 2.03
N PHE A 293 13.00 21.07 2.99
CA PHE A 293 12.59 22.49 3.00
C PHE A 293 13.76 23.48 3.00
N GLY A 294 14.92 23.05 2.57
CA GLY A 294 16.07 23.95 2.38
C GLY A 294 15.68 25.13 1.51
N PRO A 295 16.23 26.33 1.79
CA PRO A 295 15.85 27.50 1.00
C PRO A 295 16.16 27.27 -0.48
N GLU A 296 17.10 26.38 -0.78
CA GLU A 296 17.45 26.02 -2.20
C GLU A 296 16.33 25.23 -2.91
N MET A 297 15.28 24.84 -2.17
CA MET A 297 14.19 24.00 -2.76
C MET A 297 13.14 24.84 -3.48
N THR A 298 13.06 26.15 -3.22
CA THR A 298 12.05 27.02 -3.86
C THR A 298 12.22 27.00 -5.41
N ASN A 299 13.45 27.12 -5.87
CA ASN A 299 13.73 27.08 -7.31
C ASN A 299 13.36 25.81 -8.10
N PRO A 300 13.74 24.61 -7.59
CA PRO A 300 13.31 23.39 -8.30
C PRO A 300 11.79 23.29 -8.35
N LEU A 301 11.06 23.82 -7.33
CA LEU A 301 9.59 23.81 -7.38
C LEU A 301 9.07 24.78 -8.44
N ARG A 302 9.65 25.98 -8.51
CA ARG A 302 9.33 26.91 -9.57
C ARG A 302 9.60 26.27 -10.94
N GLU A 303 10.69 25.56 -11.08
CA GLU A 303 11.08 25.03 -12.40
C GLU A 303 10.10 23.89 -12.83
N ILE A 304 9.71 23.03 -11.87
CA ILE A 304 8.69 21.99 -12.20
C ILE A 304 7.37 22.67 -12.58
N ASP A 305 6.98 23.69 -11.83
CA ASP A 305 5.79 24.39 -12.21
C ASP A 305 5.82 24.99 -13.62
N LYS A 306 6.95 25.58 -13.95
CA LYS A 306 7.11 26.10 -15.28
C LYS A 306 6.96 24.98 -16.37
N THR A 307 7.53 23.82 -16.13
CA THR A 307 7.37 22.69 -17.03
C THR A 307 5.89 22.26 -17.20
N VAL A 308 5.15 22.16 -16.09
CA VAL A 308 3.70 21.92 -16.17
C VAL A 308 3.05 22.98 -17.03
N GLY A 309 3.43 24.24 -16.82
CA GLY A 309 2.93 25.39 -17.63
C GLY A 309 3.23 25.21 -19.12
N GLN A 310 4.45 24.80 -19.44
CA GLN A 310 4.77 24.42 -20.87
C GLN A 310 3.82 23.35 -21.46
N LEU A 311 3.58 22.31 -20.67
CA LEU A 311 2.74 21.22 -21.14
C LEU A 311 1.33 21.75 -21.35
N MET A 312 0.75 22.43 -20.37
CA MET A 312 -0.61 22.89 -20.52
C MET A 312 -0.75 23.92 -21.64
N ASP A 313 0.24 24.78 -21.82
CA ASP A 313 0.15 25.77 -22.92
C ASP A 313 0.26 25.03 -24.23
N GLY A 314 1.11 24.01 -24.27
CA GLY A 314 1.29 23.22 -25.49
C GLY A 314 0.01 22.48 -25.82
N LEU A 315 -0.63 21.88 -24.80
CA LEU A 315 -1.93 21.22 -25.00
C LEU A 315 -2.98 22.19 -25.51
N LYS A 316 -3.01 23.39 -24.93
CA LYS A 316 -4.03 24.37 -25.24
C LYS A 316 -3.85 24.83 -26.71
N GLN A 317 -2.59 25.00 -27.15
CA GLN A 317 -2.24 25.24 -28.56
C GLN A 317 -2.79 24.18 -29.47
N LEU A 318 -2.72 22.91 -29.03
CA LEU A 318 -3.16 21.83 -29.85
C LEU A 318 -4.65 21.57 -29.68
N ARG A 319 -5.35 22.46 -28.96
CA ARG A 319 -6.76 22.32 -28.59
C ARG A 319 -7.02 20.96 -27.92
N LEU A 320 -6.09 20.53 -27.03
CA LEU A 320 -6.22 19.28 -26.30
C LEU A 320 -6.38 19.48 -24.80
N HIS A 321 -6.46 20.72 -24.38
CA HIS A 321 -6.45 21.05 -22.94
C HIS A 321 -7.72 20.70 -22.23
N ARG A 322 -8.81 20.47 -22.99
CA ARG A 322 -10.07 19.97 -22.44
C ARG A 322 -10.40 18.58 -22.99
N CYS A 323 -9.37 17.92 -23.50
CA CYS A 323 -9.50 16.58 -24.03
C CYS A 323 -8.64 15.58 -23.21
N VAL A 324 -7.40 15.94 -22.82
CA VAL A 324 -6.48 15.00 -22.20
C VAL A 324 -6.79 14.87 -20.70
N ASN A 325 -6.63 13.65 -20.17
CA ASN A 325 -6.60 13.49 -18.71
C ASN A 325 -5.12 13.55 -18.28
N VAL A 326 -4.87 14.39 -17.28
CA VAL A 326 -3.47 14.59 -16.80
C VAL A 326 -3.42 14.02 -15.37
N ILE A 327 -2.42 13.21 -15.06
CA ILE A 327 -2.21 12.77 -13.70
C ILE A 327 -0.85 13.34 -13.28
N PHE A 328 -0.87 14.12 -12.19
CA PHE A 328 0.33 14.72 -11.57
C PHE A 328 0.55 13.87 -10.29
N VAL A 329 1.61 13.09 -10.28
CA VAL A 329 1.83 12.10 -9.23
C VAL A 329 3.30 12.05 -8.83
N GLY A 330 3.53 11.86 -7.52
CA GLY A 330 4.90 11.66 -7.02
C GLY A 330 5.20 10.21 -6.66
N ASP A 331 6.50 9.87 -6.48
CA ASP A 331 6.80 8.52 -6.12
C ASP A 331 6.99 8.36 -4.60
N HIS A 332 7.41 9.43 -3.92
CA HIS A 332 7.73 9.43 -2.44
C HIS A 332 8.08 10.85 -2.02
N GLY A 333 8.13 11.09 -0.72
CA GLY A 333 8.53 12.36 -0.17
C GLY A 333 10.03 12.41 0.11
N MET A 334 10.39 13.15 1.16
CA MET A 334 11.83 13.43 1.46
C MET A 334 11.83 13.83 2.92
N GLU A 335 12.82 13.34 3.65
CA GLU A 335 12.94 13.62 5.12
C GLU A 335 14.36 14.24 5.34
N ASP A 336 14.51 14.94 6.47
CA ASP A 336 15.84 15.51 6.87
C ASP A 336 16.65 14.38 7.41
N VAL A 337 17.79 14.13 6.78
CA VAL A 337 18.65 13.02 7.16
C VAL A 337 20.07 13.55 6.92
N THR A 338 20.95 13.43 7.91
CA THR A 338 22.36 13.91 7.80
C THR A 338 23.31 12.80 8.23
N CYS A 339 24.58 12.89 7.78
CA CYS A 339 25.67 11.93 8.12
C CYS A 339 25.82 11.68 9.59
N ASP A 340 25.64 12.68 10.43
CA ASP A 340 25.83 12.49 11.88
C ASP A 340 24.71 11.68 12.52
N ARG A 341 23.55 11.53 11.83
CA ARG A 341 22.52 10.58 12.31
C ARG A 341 22.62 9.26 11.59
N THR A 342 23.72 8.53 11.83
CA THR A 342 23.93 7.22 11.27
C THR A 342 24.25 6.30 12.43
N GLU A 343 23.50 5.22 12.53
CA GLU A 343 23.76 4.12 13.42
C GLU A 343 24.75 3.20 12.71
N PHE A 344 25.80 2.75 13.40
CA PHE A 344 26.75 1.80 12.79
C PHE A 344 26.66 0.38 13.31
N LEU A 345 26.61 -0.58 12.41
CA LEU A 345 26.47 -1.98 12.82
C LEU A 345 27.72 -2.49 13.58
N SER A 346 28.85 -1.83 13.31
CA SER A 346 30.13 -2.24 13.95
C SER A 346 30.09 -1.93 15.43
N ASN A 347 29.26 -0.96 15.82
CA ASN A 347 28.90 -0.72 17.23
C ASN A 347 28.08 -1.75 17.98
N TYR A 348 27.61 -2.80 17.28
CA TYR A 348 26.74 -3.81 17.83
C TYR A 348 27.32 -5.15 17.65
N LEU A 349 27.92 -5.39 16.50
CA LEU A 349 28.38 -6.72 16.20
C LEU A 349 29.89 -6.78 16.38
N THR A 350 30.42 -7.98 16.62
CA THR A 350 31.86 -8.19 16.64
C THR A 350 32.31 -8.66 15.25
N ASN A 351 31.51 -9.55 14.66
CA ASN A 351 31.77 -10.17 13.37
C ASN A 351 31.35 -9.36 12.09
N VAL A 352 31.31 -8.03 12.17
CA VAL A 352 30.83 -7.15 11.07
C VAL A 352 31.33 -7.40 9.61
N ASP A 353 32.46 -8.12 9.47
CA ASP A 353 32.98 -8.47 8.16
C ASP A 353 32.43 -9.77 7.57
N ASP A 354 31.59 -10.46 8.33
CA ASP A 354 30.93 -11.67 7.82
C ASP A 354 29.59 -11.31 7.14
N ILE A 355 29.18 -10.04 7.26
CA ILE A 355 27.92 -9.60 6.67
C ILE A 355 28.09 -8.64 5.50
N THR A 356 27.07 -8.63 4.65
CA THR A 356 26.80 -7.60 3.64
C THR A 356 25.55 -6.84 4.11
N LEU A 357 25.60 -5.52 4.10
CA LEU A 357 24.47 -4.68 4.42
C LEU A 357 24.09 -3.78 3.23
N VAL A 358 22.81 -3.84 2.83
CA VAL A 358 22.24 -2.78 2.03
C VAL A 358 21.84 -1.68 3.00
N PRO A 359 22.57 -0.56 2.98
CA PRO A 359 22.51 0.49 3.98
C PRO A 359 21.49 1.56 3.65
N GLY A 360 21.29 2.46 4.62
CA GLY A 360 20.67 3.76 4.40
C GLY A 360 19.41 3.94 5.20
N THR A 361 18.30 4.22 4.51
CA THR A 361 17.07 4.51 5.26
C THR A 361 16.31 3.19 5.53
N LEU A 362 16.86 2.05 5.10
CA LEU A 362 16.42 0.71 5.54
C LEU A 362 17.70 -0.07 5.59
N GLY A 363 17.70 -1.19 6.32
CA GLY A 363 18.82 -2.11 6.23
C GLY A 363 18.34 -3.45 5.80
N ARG A 364 19.15 -4.11 4.97
CA ARG A 364 18.94 -5.49 4.61
C ARG A 364 20.30 -6.18 4.78
N ILE A 365 20.30 -7.31 5.47
CA ILE A 365 21.57 -7.95 5.87
C ILE A 365 21.56 -9.37 5.34
N ARG A 366 22.64 -9.79 4.70
CA ARG A 366 22.83 -11.20 4.36
C ARG A 366 24.32 -11.57 4.65
N ALA A 367 24.69 -12.84 4.56
CA ALA A 367 26.09 -13.26 4.73
C ALA A 367 26.96 -12.70 3.62
N LYS A 368 28.22 -12.44 3.93
CA LYS A 368 29.22 -12.21 2.90
C LYS A 368 29.47 -13.45 1.99
N SER A 369 29.45 -14.68 2.53
CA SER A 369 29.70 -15.93 1.75
C SER A 369 28.71 -17.13 1.95
N ILE A 370 28.10 -17.70 0.86
CA ILE A 370 27.21 -18.94 0.99
C ILE A 370 28.02 -20.12 1.53
N ASN A 371 29.32 -20.14 1.18
CA ASN A 371 30.34 -21.10 1.70
C ASN A 371 30.56 -21.11 3.22
N ASN A 372 30.13 -20.05 3.90
CA ASN A 372 30.21 -19.96 5.37
C ASN A 372 28.94 -20.48 6.11
N SER A 373 29.07 -21.71 6.64
CA SER A 373 28.02 -22.42 7.42
C SER A 373 27.92 -21.97 8.90
N LYS A 374 28.92 -21.20 9.36
CA LYS A 374 28.89 -20.61 10.71
C LYS A 374 28.34 -19.16 10.79
N TYR A 375 27.56 -18.77 9.77
CA TYR A 375 26.83 -17.50 9.78
C TYR A 375 25.44 -17.76 10.42
N ASP A 376 25.11 -17.03 11.50
CA ASP A 376 23.84 -17.28 12.24
C ASP A 376 22.83 -16.11 12.29
N PRO A 377 21.79 -16.13 11.41
CA PRO A 377 20.79 -15.06 11.42
C PRO A 377 20.22 -14.77 12.81
N LYS A 378 20.05 -15.83 13.61
CA LYS A 378 19.51 -15.73 14.97
C LYS A 378 20.39 -14.89 15.86
N THR A 379 21.69 -15.13 15.80
CA THR A 379 22.62 -14.41 16.66
C THR A 379 22.87 -13.00 16.14
N ILE A 380 22.77 -12.79 14.82
CA ILE A 380 22.84 -11.42 14.27
C ILE A 380 21.68 -10.60 14.83
N ILE A 381 20.45 -11.12 14.72
CA ILE A 381 19.27 -10.43 15.27
C ILE A 381 19.40 -10.11 16.76
N ALA A 382 19.70 -11.13 17.55
CA ALA A 382 19.82 -10.93 18.99
C ALA A 382 20.86 -9.83 19.33
N ALA A 383 21.97 -9.81 18.59
CA ALA A 383 22.98 -8.76 18.81
C ALA A 383 22.52 -7.34 18.38
N LEU A 384 21.42 -7.26 17.61
CA LEU A 384 20.86 -5.95 17.20
C LEU A 384 19.61 -5.53 17.95
N THR A 385 19.13 -6.37 18.86
CA THR A 385 17.85 -6.15 19.47
C THR A 385 17.99 -5.49 20.79
N CYS A 386 17.34 -4.31 20.90
CA CYS A 386 17.22 -3.54 22.12
C CYS A 386 18.54 -3.31 22.88
N LYS A 387 19.62 -3.08 22.11
CA LYS A 387 20.98 -3.07 22.62
C LYS A 387 21.44 -1.74 23.16
N LYS A 388 20.87 -0.63 22.65
CA LYS A 388 21.14 0.73 23.16
C LYS A 388 19.83 1.42 23.40
N PRO A 389 19.71 2.19 24.49
CA PRO A 389 18.38 2.74 24.83
C PRO A 389 17.83 3.74 23.80
N ASP A 390 18.69 4.35 23.00
CA ASP A 390 18.19 5.31 22.06
C ASP A 390 18.01 4.74 20.63
N GLN A 391 18.24 3.45 20.51
CA GLN A 391 18.54 2.78 19.27
C GLN A 391 17.62 3.24 18.13
N HIS A 392 18.19 3.75 17.05
CA HIS A 392 17.34 4.28 15.97
C HIS A 392 17.01 3.31 14.80
N PHE A 393 17.07 2.01 15.04
CA PHE A 393 16.56 1.01 14.06
C PHE A 393 16.09 -0.22 14.85
N LYS A 394 15.29 -1.05 14.18
CA LYS A 394 14.78 -2.30 14.77
C LYS A 394 14.97 -3.45 13.81
N PRO A 395 15.70 -4.48 14.23
CA PRO A 395 15.83 -5.66 13.36
C PRO A 395 14.58 -6.56 13.37
N TYR A 396 14.33 -7.15 12.23
CA TYR A 396 13.21 -8.10 12.03
C TYR A 396 13.67 -9.20 11.12
N MET A 397 13.23 -10.42 11.39
CA MET A 397 13.15 -11.42 10.34
C MET A 397 12.06 -10.88 9.37
N LYS A 398 12.23 -11.02 8.05
CA LYS A 398 11.28 -10.34 7.13
C LYS A 398 9.82 -10.78 7.34
N GLN A 399 9.61 -12.07 7.62
CA GLN A 399 8.24 -12.55 7.89
C GLN A 399 7.59 -11.90 9.12
N HIS A 400 8.39 -11.31 10.02
CA HIS A 400 7.87 -10.59 11.18
C HIS A 400 7.61 -9.13 10.97
N LEU A 401 8.01 -8.60 9.81
CA LEU A 401 7.74 -7.19 9.54
C LEU A 401 6.19 -6.98 9.55
N PRO A 402 5.70 -5.78 9.97
CA PRO A 402 4.24 -5.50 9.83
C PRO A 402 3.69 -5.94 8.47
N LYS A 403 2.55 -6.61 8.53
CA LYS A 403 1.96 -7.20 7.30
C LYS A 403 1.55 -6.13 6.30
N ARG A 404 1.24 -4.93 6.80
CA ARG A 404 0.88 -3.82 5.95
C ARG A 404 1.98 -3.41 4.99
N LEU A 405 3.24 -3.69 5.32
CA LEU A 405 4.33 -3.39 4.38
C LEU A 405 4.42 -4.35 3.20
N HIS A 406 3.83 -5.54 3.31
CA HIS A 406 3.81 -6.55 2.21
C HIS A 406 5.22 -6.70 1.68
N TYR A 407 6.17 -6.88 2.60
CA TYR A 407 7.60 -6.80 2.20
C TYR A 407 8.38 -8.07 2.61
N ALA A 408 8.05 -9.18 1.98
CA ALA A 408 8.69 -10.45 2.36
C ALA A 408 8.76 -11.46 1.30
N ASN A 409 7.71 -11.61 0.43
CA ASN A 409 7.62 -12.74 -0.47
C ASN A 409 8.40 -12.56 -1.80
N ASN A 410 9.72 -12.44 -1.65
CA ASN A 410 10.60 -12.34 -2.83
C ASN A 410 11.99 -12.77 -2.40
N ARG A 411 12.68 -13.60 -3.21
CA ARG A 411 14.06 -14.05 -2.85
C ARG A 411 15.07 -12.91 -2.82
N ARG A 412 14.72 -11.78 -3.43
CA ARG A 412 15.60 -10.61 -3.39
C ARG A 412 15.52 -9.79 -2.11
N ILE A 413 14.59 -10.15 -1.21
CA ILE A 413 14.47 -9.44 0.04
C ILE A 413 15.17 -10.32 1.07
N GLU A 414 16.20 -9.75 1.73
CA GLU A 414 17.02 -10.53 2.66
C GLU A 414 16.21 -10.89 3.90
N ASP A 415 16.54 -12.06 4.49
CA ASP A 415 15.84 -12.58 5.69
C ASP A 415 15.89 -11.59 6.83
N ILE A 416 17.03 -10.92 6.99
CA ILE A 416 17.17 -9.92 7.99
C ILE A 416 16.92 -8.53 7.44
N HIS A 417 16.02 -7.81 8.12
CA HIS A 417 15.62 -6.45 7.75
C HIS A 417 15.75 -5.52 8.88
N LEU A 418 16.19 -4.29 8.62
CA LEU A 418 16.22 -3.27 9.64
C LEU A 418 15.29 -2.16 9.29
N LEU A 419 14.32 -1.89 10.15
CA LEU A 419 13.44 -0.76 9.95
C LEU A 419 14.10 0.38 10.66
N VAL A 420 14.41 1.44 9.89
CA VAL A 420 15.16 2.58 10.42
C VAL A 420 14.24 3.72 10.77
N ASP A 421 14.48 4.33 11.93
CA ASP A 421 13.73 5.46 12.35
C ASP A 421 13.83 6.60 11.33
N ARG A 422 12.71 7.28 11.13
CA ARG A 422 12.73 8.48 10.31
C ARG A 422 13.86 9.44 10.78
N ARG A 423 14.57 10.01 9.81
CA ARG A 423 15.65 10.99 10.07
CA ARG A 423 15.66 10.99 10.04
C ARG A 423 17.02 10.35 10.24
N TRP A 424 17.05 9.01 10.28
CA TRP A 424 18.27 8.23 10.50
C TRP A 424 18.71 7.42 9.31
N HIS A 425 19.99 7.01 9.37
CA HIS A 425 20.59 6.01 8.51
C HIS A 425 21.21 4.91 9.35
N VAL A 426 21.31 3.73 8.75
CA VAL A 426 22.13 2.64 9.19
C VAL A 426 23.26 2.38 8.18
N ALA A 427 24.46 2.11 8.69
CA ALA A 427 25.63 1.78 7.85
C ALA A 427 26.40 0.67 8.58
N ARG A 428 27.28 0.00 7.86
CA ARG A 428 27.93 -1.16 8.40
C ARG A 428 29.05 -0.70 9.39
N LYS A 429 29.89 0.23 8.94
CA LYS A 429 31.14 0.68 9.64
CA LYS A 429 31.04 0.70 9.72
C LYS A 429 31.31 2.14 9.32
N PRO A 430 31.96 2.94 10.22
CA PRO A 430 32.13 4.33 9.87
C PRO A 430 32.82 4.60 8.52
N LEU A 431 33.76 3.73 8.09
CA LEU A 431 34.50 4.02 6.83
C LEU A 431 33.57 4.14 5.61
N ASP A 432 32.41 3.48 5.69
CA ASP A 432 31.38 3.52 4.63
C ASP A 432 30.75 4.89 4.40
N VAL A 433 30.69 5.71 5.45
CA VAL A 433 30.09 7.01 5.39
C VAL A 433 31.11 8.05 4.88
N TYR A 434 32.26 8.22 5.56
CA TYR A 434 33.32 9.20 5.14
C TYR A 434 34.16 8.86 3.87
N LYS A 435 34.41 7.56 3.60
CA LYS A 435 35.02 7.06 2.34
C LYS A 435 33.91 6.63 1.34
N LYS A 436 33.47 7.59 0.50
CA LYS A 436 32.34 7.45 -0.46
C LYS A 436 32.78 7.19 -1.93
N CYS A 441 30.30 16.32 5.23
CA CYS A 441 29.10 15.57 4.89
C CYS A 441 28.35 16.07 3.64
N PHE A 442 27.94 15.11 2.82
CA PHE A 442 27.33 15.39 1.51
C PHE A 442 25.88 15.92 1.63
N PHE A 443 25.00 15.09 2.17
CA PHE A 443 23.53 15.14 1.96
C PHE A 443 22.73 15.68 3.16
N GLN A 444 21.59 16.28 2.89
CA GLN A 444 20.72 16.72 3.98
C GLN A 444 19.31 16.11 3.91
N GLY A 445 19.04 15.34 2.85
CA GLY A 445 17.71 14.74 2.69
C GLY A 445 17.80 13.29 2.30
N ASP A 446 16.81 12.47 2.69
CA ASP A 446 16.79 11.11 2.11
C ASP A 446 15.35 10.53 2.28
N HIS A 447 15.11 9.35 1.75
CA HIS A 447 13.80 8.72 1.81
C HIS A 447 14.03 7.24 1.71
N GLY A 448 12.97 6.43 1.96
CA GLY A 448 13.12 4.95 2.01
C GLY A 448 12.41 4.39 3.22
N PHE A 449 12.09 5.23 4.20
CA PHE A 449 11.51 4.81 5.51
C PHE A 449 10.10 4.23 5.31
N ASP A 450 9.66 3.53 6.34
CA ASP A 450 8.25 3.04 6.50
C ASP A 450 7.23 3.96 5.77
N ASN A 451 6.34 3.39 4.94
CA ASN A 451 5.45 4.19 4.11
C ASN A 451 4.29 4.86 4.85
N LYS A 452 4.20 4.63 6.14
CA LYS A 452 3.30 5.36 6.99
C LYS A 452 3.82 6.73 7.40
N VAL A 453 5.13 6.99 7.25
CA VAL A 453 5.80 8.20 7.80
C VAL A 453 5.34 9.42 7.04
N ASN A 454 4.90 10.45 7.74
CA ASN A 454 4.35 11.64 7.11
C ASN A 454 5.27 12.24 6.07
N SER A 455 6.57 12.35 6.40
CA SER A 455 7.50 12.96 5.43
C SER A 455 7.64 12.12 4.12
N MET A 456 7.31 10.82 4.14
CA MET A 456 7.43 10.02 2.91
C MET A 456 6.16 10.12 1.99
N GLN A 457 5.10 10.74 2.48
CA GLN A 457 3.81 10.85 1.67
C GLN A 457 4.05 11.71 0.46
N THR A 458 3.31 11.40 -0.59
CA THR A 458 3.56 12.10 -1.84
C THR A 458 2.23 12.59 -2.36
N VAL A 459 2.17 12.93 -3.66
CA VAL A 459 1.01 13.72 -4.16
C VAL A 459 0.25 13.03 -5.27
N PHE A 460 -1.02 13.43 -5.38
CA PHE A 460 -1.85 12.99 -6.52
C PHE A 460 -2.82 14.09 -6.93
N VAL A 461 -2.81 14.44 -8.22
CA VAL A 461 -3.86 15.30 -8.76
C VAL A 461 -4.27 14.65 -10.07
N GLY A 462 -5.59 14.60 -10.32
CA GLY A 462 -6.09 14.15 -11.66
C GLY A 462 -6.91 15.30 -12.25
N TYR A 463 -6.63 15.68 -13.51
CA TYR A 463 -7.33 16.79 -14.11
C TYR A 463 -7.75 16.35 -15.51
N GLY A 464 -9.00 16.60 -15.88
CA GLY A 464 -9.42 16.25 -17.24
C GLY A 464 -10.90 15.92 -17.27
N PRO A 465 -11.40 15.60 -18.47
CA PRO A 465 -12.84 15.29 -18.60
C PRO A 465 -13.31 14.08 -17.77
N THR A 466 -12.44 13.09 -17.53
CA THR A 466 -12.87 11.86 -16.87
C THR A 466 -12.77 11.97 -15.36
N PHE A 467 -11.95 12.90 -14.89
CA PHE A 467 -11.84 13.15 -13.45
C PHE A 467 -12.94 14.10 -12.99
N LYS A 468 -13.24 14.11 -11.69
CA LYS A 468 -14.21 15.07 -11.18
C LYS A 468 -13.70 16.49 -11.13
N TYR A 469 -14.64 17.43 -11.00
CA TYR A 469 -14.32 18.83 -10.99
C TYR A 469 -14.24 19.34 -9.55
N ARG A 470 -13.19 20.08 -9.25
CA ARG A 470 -12.99 20.69 -7.91
C ARG A 470 -13.32 19.73 -6.76
N THR A 471 -12.70 18.54 -6.76
CA THR A 471 -13.11 17.54 -5.80
C THR A 471 -11.93 17.12 -4.96
N LYS A 472 -12.13 17.03 -3.66
CA LYS A 472 -11.08 16.48 -2.82
C LYS A 472 -11.45 15.03 -2.48
N VAL A 473 -10.46 14.13 -2.53
CA VAL A 473 -10.75 12.72 -2.18
C VAL A 473 -9.84 12.37 -1.02
N PRO A 474 -10.23 11.38 -0.20
CA PRO A 474 -9.33 10.97 0.92
C PRO A 474 -7.99 10.43 0.39
N PRO A 475 -6.96 10.41 1.25
CA PRO A 475 -5.68 9.78 0.86
C PRO A 475 -5.88 8.33 0.53
N PHE A 476 -5.11 7.85 -0.43
CA PHE A 476 -5.16 6.47 -0.84
C PHE A 476 -3.74 6.03 -1.23
N GLU A 477 -3.61 4.73 -1.51
CA GLU A 477 -2.33 4.09 -1.81
C GLU A 477 -2.06 4.06 -3.26
N ASN A 478 -0.77 4.26 -3.60
CA ASN A 478 -0.44 4.32 -5.01
C ASN A 478 -0.66 2.97 -5.77
N ILE A 479 -0.74 1.84 -5.05
CA ILE A 479 -1.04 0.58 -5.70
C ILE A 479 -2.45 0.57 -6.41
N GLU A 480 -3.30 1.51 -6.04
CA GLU A 480 -4.69 1.61 -6.60
C GLU A 480 -4.71 2.28 -7.95
N LEU A 481 -3.66 3.00 -8.33
CA LEU A 481 -3.76 3.87 -9.53
C LEU A 481 -3.76 3.14 -10.88
N TYR A 482 -3.02 2.03 -10.95
CA TYR A 482 -3.00 1.26 -12.18
C TYR A 482 -4.44 0.93 -12.67
N ASN A 483 -5.29 0.42 -11.77
CA ASN A 483 -6.68 0.08 -12.14
C ASN A 483 -7.36 1.36 -12.74
N VAL A 484 -7.13 2.51 -12.09
CA VAL A 484 -7.78 3.76 -12.55
C VAL A 484 -7.22 4.13 -13.92
N MET A 485 -5.90 4.03 -14.09
CA MET A 485 -5.35 4.43 -15.37
C MET A 485 -5.87 3.49 -16.47
N CYS A 486 -6.02 2.20 -16.13
CA CYS A 486 -6.64 1.23 -17.09
C CYS A 486 -8.07 1.67 -17.44
N ASP A 487 -8.86 2.07 -16.44
CA ASP A 487 -10.26 2.57 -16.62
C ASP A 487 -10.24 3.82 -17.54
N LEU A 488 -9.28 4.71 -17.29
CA LEU A 488 -9.12 5.93 -18.11
C LEU A 488 -8.85 5.65 -19.56
N LEU A 489 -8.29 4.48 -19.82
CA LEU A 489 -7.87 4.08 -21.17
C LEU A 489 -8.77 2.99 -21.82
N GLY A 490 -9.85 2.63 -21.13
CA GLY A 490 -10.75 1.53 -21.52
C GLY A 490 -10.01 0.17 -21.53
N LEU A 491 -9.05 -0.08 -20.61
CA LEU A 491 -8.28 -1.35 -20.69
C LEU A 491 -8.75 -2.27 -19.59
N LYS A 492 -8.60 -3.59 -19.76
CA LYS A 492 -8.86 -4.51 -18.68
C LYS A 492 -7.53 -4.64 -17.90
N PRO A 493 -7.53 -4.25 -16.60
CA PRO A 493 -6.24 -4.41 -15.87
C PRO A 493 -5.74 -5.85 -15.75
N ALA A 494 -4.42 -6.05 -15.79
CA ALA A 494 -3.85 -7.34 -15.43
C ALA A 494 -4.04 -7.54 -13.92
N PRO A 495 -3.97 -8.78 -13.44
CA PRO A 495 -4.24 -9.01 -12.00
C PRO A 495 -3.26 -8.21 -11.15
N ASN A 496 -3.75 -7.47 -10.14
CA ASN A 496 -2.81 -6.62 -9.36
C ASN A 496 -3.30 -6.48 -7.94
N ASN A 497 -2.68 -5.61 -7.16
CA ASN A 497 -2.95 -5.50 -5.71
C ASN A 497 -3.87 -4.37 -5.38
N GLY A 498 -4.26 -3.58 -6.39
CA GLY A 498 -5.36 -2.60 -6.21
C GLY A 498 -6.66 -3.36 -5.88
N THR A 499 -7.62 -2.62 -5.37
CA THR A 499 -9.01 -3.12 -5.18
C THR A 499 -9.88 -2.32 -6.14
N HIS A 500 -10.25 -2.94 -7.26
CA HIS A 500 -10.81 -2.18 -8.39
C HIS A 500 -12.23 -1.74 -8.04
N GLY A 501 -12.48 -0.43 -8.10
CA GLY A 501 -13.66 0.16 -7.54
C GLY A 501 -13.43 1.02 -6.33
N SER A 502 -12.35 0.75 -5.58
CA SER A 502 -12.07 1.58 -4.39
C SER A 502 -11.77 3.08 -4.74
N LEU A 503 -11.35 3.37 -5.97
CA LEU A 503 -11.15 4.74 -6.43
C LEU A 503 -12.17 5.27 -7.43
N ASN A 504 -13.32 4.58 -7.54
CA ASN A 504 -14.38 5.09 -8.44
C ASN A 504 -14.77 6.50 -8.10
N HIS A 505 -14.75 6.87 -6.80
CA HIS A 505 -15.10 8.24 -6.42
C HIS A 505 -14.15 9.34 -6.99
N LEU A 506 -13.06 8.96 -7.67
CA LEU A 506 -12.20 9.96 -8.32
C LEU A 506 -12.76 10.44 -9.68
N LEU A 507 -13.67 9.64 -10.21
CA LEU A 507 -14.00 9.71 -11.63
C LEU A 507 -15.40 10.20 -11.87
N ARG A 508 -15.55 11.03 -12.90
CA ARG A 508 -16.87 11.45 -13.31
C ARG A 508 -17.60 10.32 -14.04
N THR A 509 -16.87 9.65 -14.95
N THR A 509 -16.95 9.52 -14.86
CA THR A 509 -17.34 8.59 -15.86
CA THR A 509 -17.69 8.38 -15.41
C THR A 509 -16.28 7.48 -15.89
C THR A 509 -16.97 7.08 -15.20
N ASN A 510 -16.51 6.44 -16.71
N ASN A 510 -17.61 6.15 -14.51
CA ASN A 510 -15.57 5.31 -16.84
CA ASN A 510 -16.98 4.87 -14.32
C ASN A 510 -15.44 4.55 -15.52
C ASN A 510 -17.35 3.80 -15.32
N THR A 511 -16.34 4.78 -14.58
N THR A 511 -16.37 3.07 -15.79
CA THR A 511 -16.09 4.20 -13.25
CA THR A 511 -16.59 2.05 -16.76
C THR A 511 -15.39 2.81 -13.29
C THR A 511 -16.41 0.74 -16.02
N PHE A 512 -16.14 1.77 -12.93
N PHE A 512 -15.99 0.82 -14.78
CA PHE A 512 -15.85 0.31 -13.16
CA PHE A 512 -15.93 -0.41 -14.00
C PHE A 512 -16.88 -0.35 -12.28
C PHE A 512 -16.87 -0.30 -12.82
N ARG A 513 -17.71 -1.32 -12.71
CA ARG A 513 -18.78 -1.58 -11.71
C ARG A 513 -18.47 -2.79 -10.85
N PRO A 514 -17.92 -2.56 -9.64
CA PRO A 514 -17.48 -3.73 -8.90
C PRO A 514 -18.69 -4.52 -8.34
N THR A 515 -18.48 -5.79 -8.08
CA THR A 515 -19.52 -6.65 -7.51
C THR A 515 -18.87 -7.52 -6.48
N MET A 516 -19.66 -7.94 -5.49
CA MET A 516 -19.14 -8.67 -4.38
C MET A 516 -18.77 -10.07 -4.87
N PRO A 517 -17.67 -10.60 -4.36
CA PRO A 517 -17.32 -12.00 -4.70
C PRO A 517 -18.39 -13.02 -4.22
N ASP A 518 -18.57 -14.13 -4.95
CA ASP A 518 -19.62 -15.08 -4.51
C ASP A 518 -19.09 -15.86 -3.32
N GLU A 519 -19.95 -16.14 -2.35
CA GLU A 519 -19.62 -17.02 -1.24
C GLU A 519 -19.41 -18.41 -1.82
N VAL A 520 -18.35 -19.08 -1.39
CA VAL A 520 -18.03 -20.41 -1.89
C VAL A 520 -18.57 -21.45 -0.92
N SER A 521 -18.37 -21.26 0.38
CA SER A 521 -18.87 -22.24 1.38
C SER A 521 -20.00 -21.65 2.14
N ARG A 522 -21.13 -22.36 2.17
CA ARG A 522 -22.21 -21.93 3.05
C ARG A 522 -22.03 -22.59 4.43
N PRO A 523 -22.41 -21.90 5.50
CA PRO A 523 -22.20 -22.47 6.82
C PRO A 523 -23.22 -23.57 7.14
N ASN A 524 -22.84 -24.46 8.03
CA ASN A 524 -23.82 -25.23 8.87
C ASN A 524 -24.32 -24.42 10.05
N TYR A 525 -25.55 -24.68 10.51
CA TYR A 525 -26.11 -24.09 11.71
C TYR A 525 -26.45 -25.20 12.74
N PRO A 526 -25.45 -25.76 13.44
CA PRO A 526 -25.72 -26.96 14.27
C PRO A 526 -26.56 -26.63 15.48
N GLY A 527 -27.47 -27.54 15.84
CA GLY A 527 -28.22 -27.42 17.11
C GLY A 527 -27.49 -28.28 18.15
N ILE A 528 -28.15 -28.57 19.28
CA ILE A 528 -27.56 -29.37 20.31
C ILE A 528 -27.53 -30.84 19.89
N MET A 529 -26.33 -31.41 19.74
CA MET A 529 -26.22 -32.73 19.11
CA MET A 529 -26.23 -32.74 19.12
C MET A 529 -25.43 -33.73 19.92
N TYR A 530 -24.79 -33.29 21.01
CA TYR A 530 -23.81 -34.12 21.78
C TYR A 530 -24.07 -33.97 23.25
N LEU A 531 -23.97 -35.08 23.95
CA LEU A 531 -24.13 -35.04 25.38
C LEU A 531 -22.77 -34.75 25.95
N GLN A 532 -22.73 -34.08 27.10
CA GLN A 532 -21.45 -33.78 27.82
C GLN A 532 -20.51 -34.96 27.89
N SER A 533 -21.04 -36.13 28.27
CA SER A 533 -20.15 -37.25 28.55
C SER A 533 -19.51 -37.86 27.29
N GLU A 534 -19.89 -37.42 26.10
CA GLU A 534 -19.23 -37.83 24.83
C GLU A 534 -17.86 -37.19 24.65
N PHE A 535 -17.56 -36.16 25.43
CA PHE A 535 -16.31 -35.44 25.23
C PHE A 535 -15.28 -35.97 26.16
N ASP A 536 -14.11 -36.22 25.64
CA ASP A 536 -13.03 -36.55 26.52
C ASP A 536 -11.87 -35.59 26.25
N LEU A 537 -12.09 -34.32 26.61
CA LEU A 537 -11.17 -33.25 26.12
C LEU A 537 -10.15 -32.91 27.19
N GLY A 538 -10.32 -33.49 28.38
CA GLY A 538 -9.39 -33.24 29.49
C GLY A 538 -9.61 -31.82 29.99
N CYS A 539 -10.78 -31.26 29.68
CA CYS A 539 -11.15 -29.93 30.15
C CYS A 539 -11.99 -30.04 31.36
N THR A 540 -11.97 -28.99 32.18
CA THR A 540 -12.83 -28.92 33.37
C THR A 540 -13.34 -27.50 33.47
N CYS A 541 -14.54 -27.38 34.02
CA CYS A 541 -15.05 -26.09 34.38
C CYS A 541 -15.90 -26.23 35.64
N ASP A 542 -15.82 -25.26 36.53
CA ASP A 542 -16.71 -25.22 37.69
C ASP A 542 -18.10 -24.62 37.30
N ASP A 543 -18.92 -25.37 36.58
CA ASP A 543 -20.12 -24.73 36.00
C ASP A 543 -21.51 -25.29 36.36
N LYS A 544 -21.56 -26.22 37.32
CA LYS A 544 -22.82 -26.90 37.73
C LYS A 544 -23.54 -26.18 38.91
N VAL A 545 -24.15 -25.01 38.63
CA VAL A 545 -25.08 -24.37 39.60
C VAL A 545 -26.46 -24.17 38.93
N GLU A 546 -27.50 -24.87 39.42
CA GLU A 546 -28.90 -24.78 38.92
C GLU A 546 -29.56 -23.41 39.10
N ASN A 549 -35.71 -22.61 35.56
CA ASN A 549 -36.45 -21.36 35.43
C ASN A 549 -36.85 -21.12 33.96
N LYS A 550 -38.15 -21.28 33.65
CA LYS A 550 -38.68 -21.18 32.24
C LYS A 550 -38.80 -19.74 31.63
N LEU A 551 -38.67 -18.70 32.47
CA LEU A 551 -38.48 -17.30 32.01
C LEU A 551 -37.11 -17.19 31.25
N GLU A 552 -36.05 -17.66 31.93
CA GLU A 552 -34.65 -17.56 31.47
C GLU A 552 -34.07 -18.82 30.78
N GLU A 553 -34.96 -19.79 30.51
CA GLU A 553 -34.65 -20.98 29.71
C GLU A 553 -35.09 -20.82 28.26
N LEU A 554 -36.24 -20.16 28.02
CA LEU A 554 -36.67 -19.81 26.64
C LEU A 554 -35.73 -18.71 26.11
N ASN A 555 -35.41 -17.77 27.00
CA ASN A 555 -34.45 -16.68 26.77
C ASN A 555 -33.05 -17.13 26.26
N LYS A 556 -32.44 -18.08 26.98
CA LYS A 556 -31.16 -18.71 26.61
C LYS A 556 -31.23 -19.42 25.24
N ARG A 557 -32.34 -20.16 25.02
CA ARG A 557 -32.62 -20.80 23.73
C ARG A 557 -32.68 -19.81 22.56
N LEU A 558 -33.39 -18.67 22.76
CA LEU A 558 -33.52 -17.61 21.72
C LEU A 558 -32.13 -17.13 21.28
N HIS A 559 -31.25 -16.91 22.26
CA HIS A 559 -29.87 -16.44 22.05
C HIS A 559 -29.06 -17.44 21.23
N THR A 560 -29.17 -18.74 21.57
CA THR A 560 -28.49 -19.83 20.81
C THR A 560 -28.99 -19.98 19.35
N LYS A 561 -30.19 -19.46 19.04
CA LYS A 561 -30.83 -19.52 17.69
C LYS A 561 -30.65 -18.24 16.85
N GLY A 562 -30.09 -17.19 17.48
CA GLY A 562 -29.72 -15.96 16.78
C GLY A 562 -30.59 -14.74 17.07
N SER A 563 -31.16 -14.67 18.29
CA SER A 563 -32.06 -13.55 18.65
C SER A 563 -31.34 -12.19 18.76
N THR A 564 -30.13 -12.21 19.31
CA THR A 564 -29.31 -11.00 19.46
C THR A 564 -28.34 -10.84 18.27
N LYS A 565 -28.52 -11.60 17.20
CA LYS A 565 -27.51 -11.62 16.13
C LYS A 565 -27.36 -10.28 15.43
N GLU A 566 -28.45 -9.49 15.38
CA GLU A 566 -28.45 -8.18 14.66
C GLU A 566 -27.74 -7.12 15.48
N ARG A 567 -27.54 -7.40 16.76
CA ARG A 567 -26.76 -6.59 17.67
C ARG A 567 -25.23 -6.85 17.43
N HIS A 568 -24.84 -8.11 17.30
CA HIS A 568 -23.40 -8.45 17.32
C HIS A 568 -22.82 -8.70 15.95
N LEU A 569 -23.69 -8.91 14.96
CA LEU A 569 -23.26 -9.03 13.59
C LEU A 569 -23.87 -7.91 12.78
N LEU A 570 -23.20 -6.78 12.74
CA LEU A 570 -23.85 -5.56 12.22
C LEU A 570 -23.81 -5.34 10.75
N TYR A 571 -22.88 -6.02 10.07
CA TYR A 571 -22.65 -5.84 8.66
C TYR A 571 -22.84 -7.14 7.86
N GLY A 572 -23.61 -8.09 8.41
CA GLY A 572 -23.84 -9.38 7.75
C GLY A 572 -22.77 -10.34 8.17
N ARG A 573 -22.96 -11.64 7.93
CA ARG A 573 -21.81 -12.50 8.21
C ARG A 573 -20.77 -12.36 7.09
N PRO A 574 -19.48 -12.52 7.44
CA PRO A 574 -18.42 -12.48 6.42
C PRO A 574 -18.66 -13.65 5.48
N ALA A 575 -18.45 -13.48 4.18
CA ALA A 575 -18.52 -14.64 3.21
C ALA A 575 -17.19 -15.40 3.20
N VAL A 576 -17.26 -16.73 3.19
CA VAL A 576 -16.11 -17.59 3.04
C VAL A 576 -15.85 -17.85 1.55
N LEU A 577 -14.67 -17.44 1.04
CA LEU A 577 -14.42 -17.41 -0.40
C LEU A 577 -13.59 -18.60 -0.87
N TYR A 578 -13.57 -19.64 -0.07
CA TYR A 578 -12.88 -20.88 -0.46
C TYR A 578 -13.70 -22.05 0.09
N ARG A 579 -13.33 -23.27 -0.34
CA ARG A 579 -14.11 -24.49 -0.03
C ARG A 579 -13.67 -25.01 1.34
N THR A 580 -14.63 -25.13 2.26
CA THR A 580 -14.27 -25.55 3.63
C THR A 580 -15.53 -25.96 4.36
N SER A 581 -15.37 -26.47 5.57
CA SER A 581 -16.49 -26.91 6.39
CA SER A 581 -16.51 -26.88 6.39
C SER A 581 -16.54 -26.04 7.64
N TYR A 582 -17.60 -25.24 7.83
CA TYR A 582 -17.65 -24.43 9.03
C TYR A 582 -19.04 -24.27 9.56
N ASP A 583 -19.16 -23.89 10.83
CA ASP A 583 -20.49 -23.79 11.48
C ASP A 583 -20.68 -22.37 11.97
N ILE A 584 -21.87 -21.82 11.84
CA ILE A 584 -22.21 -20.56 12.61
C ILE A 584 -22.68 -20.93 13.99
N LEU A 585 -22.10 -20.28 15.00
CA LEU A 585 -22.45 -20.47 16.42
C LEU A 585 -22.95 -19.13 16.97
N TYR A 586 -24.20 -19.11 17.45
CA TYR A 586 -24.77 -17.92 18.07
C TYR A 586 -24.63 -17.98 19.58
N HIS A 587 -24.47 -16.82 20.21
CA HIS A 587 -24.40 -16.67 21.68
C HIS A 587 -25.01 -15.33 22.02
N THR A 588 -25.35 -15.15 23.29
CA THR A 588 -25.90 -13.85 23.74
C THR A 588 -25.02 -12.67 23.36
N ASP A 589 -23.68 -12.85 23.50
CA ASP A 589 -22.73 -11.74 23.43
C ASP A 589 -21.92 -11.72 22.15
N PHE A 590 -21.97 -12.81 21.37
CA PHE A 590 -21.10 -12.89 20.17
C PHE A 590 -21.57 -13.99 19.24
N GLU A 591 -21.19 -13.86 17.97
CA GLU A 591 -21.48 -14.85 16.95
CA GLU A 591 -21.47 -14.90 17.00
C GLU A 591 -20.13 -15.31 16.37
N SER A 592 -20.01 -16.58 15.98
CA SER A 592 -18.76 -16.97 15.33
C SER A 592 -18.97 -17.90 14.15
N GLY A 593 -17.98 -17.96 13.24
CA GLY A 593 -17.96 -18.88 12.12
C GLY A 593 -16.85 -19.83 12.49
N TYR A 594 -17.20 -21.06 12.91
CA TYR A 594 -16.25 -22.02 13.53
C TYR A 594 -15.81 -23.09 12.49
N SER A 595 -14.50 -23.17 12.27
CA SER A 595 -13.95 -24.05 11.23
C SER A 595 -13.73 -25.42 11.83
N GLU A 596 -14.34 -26.40 11.19
CA GLU A 596 -14.18 -27.82 11.58
C GLU A 596 -12.84 -28.34 11.10
N ILE A 597 -12.25 -27.66 10.12
CA ILE A 597 -10.93 -28.04 9.63
C ILE A 597 -9.80 -27.51 10.50
N PHE A 598 -9.85 -26.24 10.88
CA PHE A 598 -8.78 -25.66 11.73
C PHE A 598 -9.07 -25.72 13.19
N LEU A 599 -10.26 -26.23 13.53
CA LEU A 599 -10.72 -26.41 14.92
C LEU A 599 -10.78 -25.15 15.79
N MET A 600 -11.16 -24.04 15.15
CA MET A 600 -11.25 -22.76 15.87
C MET A 600 -12.03 -21.82 14.96
N PRO A 601 -12.54 -20.70 15.52
CA PRO A 601 -13.25 -19.79 14.64
C PRO A 601 -12.35 -19.18 13.58
N LEU A 602 -12.92 -18.96 12.41
CA LEU A 602 -12.27 -18.15 11.36
C LEU A 602 -12.53 -16.65 11.65
N TRP A 603 -13.65 -16.39 12.32
CA TRP A 603 -14.03 -15.02 12.71
C TRP A 603 -14.95 -15.12 13.94
N THR A 604 -14.93 -14.09 14.77
CA THR A 604 -15.81 -14.00 15.95
C THR A 604 -16.20 -12.51 15.97
N SER A 605 -17.50 -12.27 16.05
CA SER A 605 -18.06 -10.91 15.89
C SER A 605 -18.88 -10.54 17.12
N TYR A 606 -18.63 -9.32 17.62
CA TYR A 606 -19.33 -8.88 18.86
C TYR A 606 -19.36 -7.39 18.93
N THR A 607 -20.41 -6.85 19.51
CA THR A 607 -20.53 -5.38 19.62
C THR A 607 -20.47 -4.98 21.09
N ILE A 608 -19.74 -3.90 21.37
CA ILE A 608 -19.50 -3.36 22.71
C ILE A 608 -20.00 -1.91 22.71
N SER A 609 -21.10 -1.67 23.45
CA SER A 609 -21.67 -0.31 23.39
C SER A 609 -20.81 0.62 24.27
N LYS A 610 -21.07 1.95 24.17
CA LYS A 610 -20.35 2.93 24.97
C LYS A 610 -20.56 2.65 26.44
N GLN A 611 -21.74 2.17 26.79
CA GLN A 611 -22.14 1.93 28.21
C GLN A 611 -21.71 0.58 28.82
N ALA A 612 -21.04 -0.28 28.04
CA ALA A 612 -20.76 -1.66 28.51
C ALA A 612 -19.77 -1.66 29.67
N GLU A 613 -19.92 -2.63 30.56
CA GLU A 613 -19.01 -2.76 31.70
C GLU A 613 -17.98 -3.89 31.51
N VAL A 614 -16.76 -3.64 31.99
CA VAL A 614 -15.67 -4.63 32.06
C VAL A 614 -15.79 -5.35 33.38
N SER A 615 -15.73 -6.67 33.34
CA SER A 615 -15.72 -7.45 34.57
C SER A 615 -14.51 -8.37 34.57
N SER A 616 -14.26 -9.07 35.67
CA SER A 616 -13.09 -9.92 35.76
C SER A 616 -13.46 -11.36 35.33
N ILE A 617 -12.46 -12.20 35.14
CA ILE A 617 -12.76 -13.63 35.04
C ILE A 617 -12.83 -14.10 36.53
N PRO A 618 -14.03 -14.55 37.00
CA PRO A 618 -14.15 -14.99 38.42
C PRO A 618 -13.12 -16.06 38.75
N GLU A 619 -12.66 -16.11 40.02
CA GLU A 619 -11.56 -17.01 40.41
C GLU A 619 -11.88 -18.46 40.11
N HIS A 620 -13.15 -18.84 40.33
CA HIS A 620 -13.58 -20.25 40.19
C HIS A 620 -13.60 -20.65 38.70
N LEU A 621 -13.56 -19.65 37.81
CA LEU A 621 -13.58 -19.88 36.34
C LEU A 621 -12.22 -19.64 35.66
N THR A 622 -11.16 -19.43 36.43
CA THR A 622 -9.82 -19.15 35.85
C THR A 622 -9.39 -20.14 34.75
N ASN A 623 -9.51 -21.45 34.99
CA ASN A 623 -9.09 -22.49 34.03
C ASN A 623 -10.30 -23.21 33.38
N CYS A 624 -11.46 -22.59 33.43
CA CYS A 624 -12.66 -23.18 32.86
C CYS A 624 -12.58 -23.24 31.31
N VAL A 625 -12.73 -24.45 30.78
CA VAL A 625 -13.04 -24.66 29.33
C VAL A 625 -14.20 -25.68 29.26
N ARG A 626 -15.23 -25.35 28.51
CA ARG A 626 -16.49 -26.10 28.44
C ARG A 626 -16.67 -26.69 27.04
N PRO A 627 -16.92 -28.01 26.94
CA PRO A 627 -17.40 -28.61 25.67
C PRO A 627 -18.60 -27.88 25.08
N ASP A 628 -18.61 -27.79 23.75
CA ASP A 628 -19.70 -27.14 23.08
C ASP A 628 -20.62 -28.24 22.47
N VAL A 629 -21.78 -28.41 23.03
CA VAL A 629 -22.67 -29.55 22.66
C VAL A 629 -23.25 -29.45 21.25
N ARG A 630 -22.99 -28.32 20.58
CA ARG A 630 -23.26 -28.21 19.14
C ARG A 630 -22.19 -28.78 18.21
N VAL A 631 -21.01 -29.05 18.72
CA VAL A 631 -19.84 -29.40 17.86
C VAL A 631 -19.23 -30.70 18.34
N SER A 632 -18.96 -31.62 17.42
CA SER A 632 -18.51 -32.96 17.80
C SER A 632 -17.17 -32.94 18.56
N PRO A 633 -16.96 -33.92 19.46
CA PRO A 633 -15.64 -34.13 20.09
C PRO A 633 -14.56 -34.13 19.00
N GLY A 634 -14.81 -34.79 17.86
CA GLY A 634 -13.76 -34.95 16.85
C GLY A 634 -13.44 -33.67 16.10
N PHE A 635 -14.31 -32.67 16.21
CA PHE A 635 -14.01 -31.34 15.62
C PHE A 635 -13.76 -30.26 16.66
N SER A 636 -13.29 -30.65 17.86
CA SER A 636 -13.04 -29.71 18.95
C SER A 636 -11.60 -29.72 19.31
N GLN A 637 -11.14 -28.65 19.94
CA GLN A 637 -9.80 -28.67 20.50
C GLN A 637 -9.86 -29.51 21.81
N ASN A 638 -8.74 -29.68 22.48
CA ASN A 638 -8.75 -30.36 23.78
C ASN A 638 -7.73 -29.72 24.70
N CYS A 639 -8.06 -29.70 25.98
CA CYS A 639 -7.20 -29.11 27.03
C CYS A 639 -5.92 -29.85 27.26
N LEU A 640 -5.93 -31.17 27.03
CA LEU A 640 -4.76 -31.98 27.30
C LEU A 640 -3.56 -31.57 26.47
N ALA A 641 -3.84 -31.31 25.20
CA ALA A 641 -2.80 -30.84 24.28
C ALA A 641 -2.12 -29.59 24.85
N TYR A 642 -2.90 -28.62 25.35
CA TYR A 642 -2.34 -27.43 25.94
C TYR A 642 -1.54 -27.76 27.20
N LYS A 643 -2.05 -28.68 28.02
CA LYS A 643 -1.31 -29.09 29.21
C LYS A 643 0.07 -29.63 28.85
N ASN A 644 0.14 -30.51 27.86
CA ASN A 644 1.38 -31.15 27.43
C ASN A 644 2.35 -30.26 26.65
N ASP A 645 1.82 -29.22 25.97
CA ASP A 645 2.67 -28.31 25.21
C ASP A 645 3.16 -27.28 26.17
N LYS A 646 4.43 -27.38 26.55
CA LYS A 646 4.98 -26.49 27.55
C LYS A 646 5.17 -25.06 27.01
N GLN A 647 5.24 -24.89 25.69
CA GLN A 647 5.42 -23.54 25.09
C GLN A 647 4.11 -22.82 24.90
N MET A 648 3.03 -23.60 24.76
CA MET A 648 1.81 -23.07 24.20
C MET A 648 0.67 -22.97 25.20
N SER A 649 0.05 -21.80 25.29
CA SER A 649 -1.12 -21.65 26.18
C SER A 649 -2.35 -21.40 25.31
N TYR A 650 -3.40 -20.81 25.84
CA TYR A 650 -4.58 -20.52 25.00
C TYR A 650 -5.21 -19.22 25.47
N GLY A 651 -6.02 -18.63 24.61
CA GLY A 651 -6.79 -17.40 24.90
C GLY A 651 -8.15 -17.60 24.23
N PHE A 652 -8.98 -16.58 24.28
CA PHE A 652 -10.32 -16.63 23.78
C PHE A 652 -10.57 -15.49 22.82
N LEU A 653 -11.39 -15.73 21.80
CA LEU A 653 -11.60 -14.70 20.79
C LEU A 653 -12.61 -13.67 21.24
N PHE A 654 -13.77 -14.11 21.75
CA PHE A 654 -14.64 -13.21 22.45
C PHE A 654 -14.13 -13.12 23.90
N PRO A 655 -13.89 -11.90 24.39
CA PRO A 655 -13.19 -11.74 25.69
C PRO A 655 -14.21 -12.00 26.87
N PRO A 656 -13.91 -12.91 27.79
CA PRO A 656 -14.76 -13.08 28.98
C PRO A 656 -14.98 -11.79 29.78
N TYR A 657 -14.04 -10.83 29.72
CA TYR A 657 -14.12 -9.56 30.43
C TYR A 657 -15.27 -8.72 29.99
N LEU A 658 -15.78 -8.96 28.78
CA LEU A 658 -16.86 -8.15 28.28
C LEU A 658 -18.23 -8.82 28.20
N SER A 659 -18.34 -9.96 28.90
CA SER A 659 -19.64 -10.66 29.08
C SER A 659 -20.75 -9.71 29.57
N SER A 660 -21.98 -9.90 29.08
CA SER A 660 -23.05 -8.95 29.40
C SER A 660 -23.67 -9.25 30.79
N SER A 661 -23.39 -10.43 31.33
CA SER A 661 -23.98 -10.92 32.58
C SER A 661 -23.14 -12.10 33.04
N PRO A 662 -23.12 -12.34 34.37
CA PRO A 662 -22.41 -13.50 34.88
C PRO A 662 -22.81 -14.82 34.21
N GLU A 663 -24.07 -14.96 33.84
CA GLU A 663 -24.59 -16.14 33.15
C GLU A 663 -24.06 -16.24 31.70
N ALA A 664 -24.07 -15.13 30.98
CA ALA A 664 -23.56 -15.14 29.58
C ALA A 664 -22.04 -15.42 29.55
N LYS A 665 -21.34 -15.08 30.65
CA LYS A 665 -19.90 -15.28 30.75
C LYS A 665 -19.49 -16.74 30.52
N TYR A 666 -20.35 -17.71 30.86
CA TYR A 666 -20.05 -19.14 30.62
C TYR A 666 -19.84 -19.42 29.14
N ASP A 667 -20.58 -18.72 28.29
CA ASP A 667 -20.44 -18.90 26.81
C ASP A 667 -19.02 -18.57 26.38
N ALA A 668 -18.36 -17.65 27.07
CA ALA A 668 -16.96 -17.23 26.63
C ALA A 668 -15.92 -18.31 26.85
N PHE A 669 -16.25 -19.28 27.72
CA PHE A 669 -15.31 -20.35 28.03
C PHE A 669 -15.57 -21.63 27.20
N LEU A 670 -16.49 -21.54 26.24
CA LEU A 670 -16.69 -22.68 25.28
C LEU A 670 -15.38 -23.01 24.57
N VAL A 671 -15.13 -24.29 24.39
CA VAL A 671 -13.94 -24.77 23.69
C VAL A 671 -13.90 -24.27 22.24
N THR A 672 -15.08 -23.92 21.72
CA THR A 672 -15.20 -23.34 20.38
C THR A 672 -14.82 -21.85 20.28
N ASN A 673 -14.50 -21.22 21.41
CA ASN A 673 -14.10 -19.79 21.47
C ASN A 673 -12.55 -19.74 21.75
N MET A 674 -11.91 -20.90 21.98
CA MET A 674 -10.50 -21.00 22.41
CA MET A 674 -10.49 -20.87 22.40
C MET A 674 -9.54 -20.96 21.20
N VAL A 675 -8.37 -20.33 21.38
CA VAL A 675 -7.35 -20.26 20.31
C VAL A 675 -6.02 -20.46 20.97
N PRO A 676 -5.04 -21.02 20.24
CA PRO A 676 -3.73 -21.24 20.87
C PRO A 676 -2.95 -19.92 20.95
N MET A 677 -2.38 -19.68 22.13
CA MET A 677 -1.59 -18.45 22.32
C MET A 677 -0.37 -18.67 23.19
N TYR A 678 0.79 -18.28 22.66
CA TYR A 678 2.02 -18.19 23.51
C TYR A 678 1.74 -17.32 24.70
N PRO A 679 2.24 -17.71 25.90
CA PRO A 679 2.13 -16.79 27.07
C PRO A 679 2.60 -15.36 26.78
N ALA A 680 3.65 -15.18 25.97
CA ALA A 680 4.15 -13.83 25.74
C ALA A 680 3.08 -13.03 24.99
N PHE A 681 2.46 -13.67 24.00
CA PHE A 681 1.35 -13.05 23.28
C PHE A 681 0.12 -12.81 24.12
N LYS A 682 -0.12 -13.68 25.10
CA LYS A 682 -1.30 -13.48 25.94
C LYS A 682 -1.26 -12.16 26.68
N ARG A 683 -0.05 -11.68 27.02
CA ARG A 683 0.09 -10.34 27.66
C ARG A 683 -0.49 -9.25 26.75
N VAL A 684 -0.20 -9.36 25.44
CA VAL A 684 -0.70 -8.39 24.47
C VAL A 684 -2.23 -8.49 24.36
N TRP A 685 -2.68 -9.72 24.11
CA TRP A 685 -4.08 -10.00 23.81
C TRP A 685 -5.01 -9.66 24.98
N ALA A 686 -4.57 -10.02 26.20
CA ALA A 686 -5.35 -9.76 27.42
C ALA A 686 -5.49 -8.24 27.64
N TYR A 687 -4.43 -7.48 27.37
CA TYR A 687 -4.52 -6.02 27.53
C TYR A 687 -5.46 -5.41 26.50
N PHE A 688 -5.37 -5.89 25.25
CA PHE A 688 -6.27 -5.41 24.21
C PHE A 688 -7.72 -5.66 24.63
N GLN A 689 -7.99 -6.88 25.08
CA GLN A 689 -9.38 -7.32 25.34
C GLN A 689 -9.95 -6.69 26.64
N ARG A 690 -9.10 -6.53 27.63
CA ARG A 690 -9.53 -6.09 28.99
C ARG A 690 -9.57 -4.58 29.03
N VAL A 691 -8.59 -3.91 28.38
CA VAL A 691 -8.49 -2.45 28.48
C VAL A 691 -8.88 -1.72 27.18
N LEU A 692 -8.30 -2.13 26.07
CA LEU A 692 -8.40 -1.32 24.86
C LEU A 692 -9.73 -1.36 24.17
N VAL A 693 -10.36 -2.53 24.08
CA VAL A 693 -11.70 -2.58 23.47
C VAL A 693 -12.67 -1.57 24.17
N LYS A 694 -12.72 -1.62 25.50
CA LYS A 694 -13.59 -0.70 26.23
CA LYS A 694 -13.50 -0.68 26.35
C LYS A 694 -13.16 0.77 25.97
N LYS A 695 -11.89 1.04 25.93
CA LYS A 695 -11.48 2.41 25.59
C LYS A 695 -12.01 2.82 24.25
N TYR A 696 -11.88 1.94 23.24
CA TYR A 696 -12.37 2.31 21.91
C TYR A 696 -13.86 2.48 21.95
N ALA A 697 -14.58 1.61 22.69
CA ALA A 697 -16.02 1.75 22.71
C ALA A 697 -16.39 3.12 23.34
N SER A 698 -15.67 3.55 24.38
CA SER A 698 -15.96 4.88 25.00
CA SER A 698 -16.01 4.88 24.97
C SER A 698 -15.62 6.03 24.05
N GLU A 699 -14.48 5.93 23.34
CA GLU A 699 -14.07 7.00 22.45
C GLU A 699 -14.93 7.06 21.20
N ARG A 700 -15.42 5.92 20.71
CA ARG A 700 -16.02 5.88 19.36
C ARG A 700 -17.51 5.74 19.44
N ASN A 701 -18.02 5.67 20.68
CA ASN A 701 -19.50 5.49 20.91
C ASN A 701 -19.96 4.12 20.43
N GLY A 702 -19.32 3.12 21.02
CA GLY A 702 -19.58 1.74 20.66
C GLY A 702 -18.61 1.35 19.55
N VAL A 703 -18.23 0.07 19.57
CA VAL A 703 -17.54 -0.54 18.44
C VAL A 703 -18.08 -1.94 18.20
N ASN A 704 -18.03 -2.35 16.94
CA ASN A 704 -18.19 -3.74 16.61
C ASN A 704 -16.80 -4.30 16.34
N VAL A 705 -16.53 -5.49 16.87
CA VAL A 705 -15.21 -6.12 16.76
C VAL A 705 -15.37 -7.45 16.04
N ILE A 706 -14.54 -7.68 15.02
CA ILE A 706 -14.43 -9.03 14.43
C ILE A 706 -13.00 -9.44 14.60
N SER A 707 -12.77 -10.57 15.27
CA SER A 707 -11.43 -11.00 15.55
C SER A 707 -11.26 -12.43 15.02
N GLY A 708 -10.00 -12.83 14.78
CA GLY A 708 -9.76 -14.21 14.30
C GLY A 708 -8.29 -14.50 14.12
N PRO A 709 -7.99 -15.76 13.79
CA PRO A 709 -6.62 -16.18 13.55
C PRO A 709 -6.27 -15.96 12.09
N ILE A 710 -4.98 -15.86 11.82
CA ILE A 710 -4.45 -15.84 10.47
C ILE A 710 -3.32 -16.85 10.40
N PHE A 711 -3.26 -17.56 9.28
CA PHE A 711 -2.13 -18.47 9.06
C PHE A 711 -1.41 -18.10 7.78
N ASP A 712 -0.15 -17.63 7.91
CA ASP A 712 0.61 -17.29 6.71
C ASP A 712 2.04 -17.77 6.89
N TYR A 713 2.23 -19.08 7.03
CA TYR A 713 3.57 -19.59 7.25
C TYR A 713 4.54 -19.37 6.08
N ASN A 714 4.03 -19.29 4.86
CA ASN A 714 4.95 -19.00 3.72
C ASN A 714 5.02 -17.46 3.39
N TYR A 715 4.54 -16.63 4.30
CA TYR A 715 4.65 -15.15 4.20
C TYR A 715 4.35 -14.54 2.83
N ASP A 716 3.28 -15.04 2.22
CA ASP A 716 2.89 -14.49 0.91
C ASP A 716 1.70 -13.49 0.95
N GLY A 717 1.24 -13.21 2.15
CA GLY A 717 0.14 -12.29 2.34
C GLY A 717 -1.22 -12.96 2.08
N LEU A 718 -1.22 -14.27 1.86
CA LEU A 718 -2.42 -14.98 1.43
C LEU A 718 -2.73 -16.14 2.38
N ARG A 719 -4.01 -16.42 2.58
CA ARG A 719 -4.46 -17.49 3.50
C ARG A 719 -3.74 -18.83 3.19
N ASP A 720 -3.17 -19.48 4.19
CA ASP A 720 -2.56 -20.83 3.99
C ASP A 720 -3.61 -21.89 3.86
N THR A 721 -3.35 -22.90 3.00
CA THR A 721 -4.13 -24.14 3.06
C THR A 721 -3.59 -24.95 4.26
N GLU A 722 -4.36 -25.93 4.75
CA GLU A 722 -3.91 -26.73 5.93
C GLU A 722 -2.56 -27.36 5.71
N ASP A 723 -2.24 -27.76 4.49
CA ASP A 723 -0.95 -28.44 4.26
C ASP A 723 0.21 -27.52 4.24
N GLU A 724 -0.05 -26.21 4.41
CA GLU A 724 1.03 -25.28 4.58
C GLU A 724 1.42 -24.95 6.00
N ILE A 725 0.65 -25.44 6.96
CA ILE A 725 0.91 -25.13 8.38
C ILE A 725 2.16 -25.78 8.92
N LYS A 726 3.05 -24.99 9.50
CA LYS A 726 4.29 -25.56 10.02
C LYS A 726 4.31 -25.83 11.48
N GLN A 727 3.28 -25.41 12.22
CA GLN A 727 3.30 -25.62 13.67
C GLN A 727 1.91 -25.96 14.20
N TYR A 728 1.89 -26.95 15.09
CA TYR A 728 0.66 -27.40 15.74
C TYR A 728 0.89 -27.40 17.23
N VAL A 729 -0.21 -27.34 17.99
CA VAL A 729 -0.14 -27.58 19.42
C VAL A 729 0.33 -29.04 19.60
N GLU A 730 1.32 -29.22 20.46
CA GLU A 730 2.05 -30.47 20.55
C GLU A 730 1.14 -31.67 20.68
N GLY A 731 1.31 -32.62 19.74
CA GLY A 731 0.57 -33.85 19.71
C GLY A 731 -0.89 -33.71 19.37
N SER A 732 -1.26 -32.66 18.62
CA SER A 732 -2.62 -32.46 18.19
C SER A 732 -2.61 -32.01 16.77
N SER A 733 -3.81 -31.89 16.26
CA SER A 733 -4.14 -31.35 14.97
C SER A 733 -4.58 -29.87 15.09
N ILE A 734 -4.31 -29.24 16.24
CA ILE A 734 -4.67 -27.79 16.44
C ILE A 734 -3.57 -26.91 15.80
N PRO A 735 -3.90 -26.24 14.69
CA PRO A 735 -2.81 -25.43 14.07
C PRO A 735 -2.53 -24.13 14.81
N VAL A 736 -1.32 -23.63 14.74
CA VAL A 736 -0.93 -22.46 15.49
C VAL A 736 -0.98 -21.27 14.52
N PRO A 737 -1.81 -20.26 14.82
CA PRO A 737 -1.80 -19.04 13.96
C PRO A 737 -0.46 -18.31 13.93
N THR A 738 -0.12 -17.72 12.79
CA THR A 738 1.04 -16.83 12.71
C THR A 738 0.66 -15.41 13.22
N HIS A 739 -0.61 -15.06 13.13
CA HIS A 739 -1.10 -13.77 13.54
C HIS A 739 -2.52 -13.82 14.08
N TYR A 740 -2.89 -12.79 14.84
CA TYR A 740 -4.30 -12.56 15.19
C TYR A 740 -4.76 -11.19 14.71
N TYR A 741 -5.95 -11.14 14.11
CA TYR A 741 -6.48 -9.84 13.59
C TYR A 741 -7.64 -9.37 14.43
N SER A 742 -7.94 -8.07 14.31
CA SER A 742 -9.24 -7.55 14.71
C SER A 742 -9.59 -6.41 13.78
N ILE A 743 -10.88 -6.31 13.45
CA ILE A 743 -11.41 -5.23 12.66
C ILE A 743 -12.42 -4.52 13.56
N ILE A 744 -12.22 -3.22 13.76
CA ILE A 744 -12.99 -2.54 14.77
C ILE A 744 -13.77 -1.43 14.08
N THR A 745 -15.08 -1.57 14.00
CA THR A 745 -15.94 -0.69 13.18
C THR A 745 -16.89 0.08 14.08
N SER A 746 -17.15 1.31 13.67
CA SER A 746 -18.08 2.20 14.39
C SER A 746 -18.67 3.18 13.36
N CYS A 747 -19.53 4.08 13.85
CA CYS A 747 -20.19 5.07 12.97
C CYS A 747 -19.23 6.22 12.71
N LEU A 748 -19.05 6.65 11.47
CA LEU A 748 -18.19 7.81 11.22
C LEU A 748 -18.70 9.07 11.99
N ASP A 749 -20.02 9.24 12.01
CA ASP A 749 -20.71 10.23 12.88
C ASP A 749 -20.90 9.62 14.25
N PHE A 750 -19.93 9.88 15.11
CA PHE A 750 -19.83 9.29 16.44
C PHE A 750 -20.87 9.79 17.45
N THR A 751 -21.75 10.69 17.01
CA THR A 751 -22.97 11.03 17.77
C THR A 751 -23.96 9.92 17.65
N GLN A 752 -23.79 9.03 16.67
CA GLN A 752 -24.60 7.84 16.59
C GLN A 752 -23.85 6.62 17.13
N PRO A 753 -24.57 5.75 17.87
CA PRO A 753 -23.90 4.59 18.44
C PRO A 753 -23.55 3.55 17.31
N ALA A 754 -22.46 2.79 17.51
CA ALA A 754 -22.06 1.78 16.50
C ALA A 754 -23.25 0.96 15.99
N ASP A 755 -24.09 0.52 16.94
CA ASP A 755 -25.20 -0.39 16.59
C ASP A 755 -26.45 0.25 16.00
N LYS A 756 -26.48 1.56 15.85
CA LYS A 756 -27.59 2.25 15.16
C LYS A 756 -27.03 3.41 14.36
N CYS A 757 -26.25 3.09 13.34
CA CYS A 757 -25.56 4.11 12.56
C CYS A 757 -26.26 4.19 11.22
N ASP A 758 -26.65 5.38 10.78
CA ASP A 758 -27.41 5.49 9.52
C ASP A 758 -26.52 5.79 8.36
N GLY A 759 -25.29 6.22 8.60
CA GLY A 759 -24.44 6.67 7.52
C GLY A 759 -23.11 5.94 7.36
N PRO A 760 -22.09 6.64 6.81
CA PRO A 760 -20.78 6.01 6.60
C PRO A 760 -20.17 5.45 7.88
N LEU A 761 -19.25 4.51 7.69
CA LEU A 761 -18.61 3.80 8.79
C LEU A 761 -17.22 4.29 8.99
N SER A 762 -16.65 3.92 10.11
CA SER A 762 -15.28 4.26 10.43
C SER A 762 -14.61 2.96 10.91
N VAL A 763 -13.40 2.65 10.46
CA VAL A 763 -12.82 1.35 10.80
C VAL A 763 -11.38 1.54 11.20
N SER A 764 -10.91 0.78 12.16
CA SER A 764 -9.48 0.57 12.29
C SER A 764 -9.23 -0.96 12.51
N SER A 765 -8.11 -1.45 12.03
CA SER A 765 -7.83 -2.89 12.08
C SER A 765 -6.40 -3.14 12.40
N PHE A 766 -6.09 -4.33 12.88
CA PHE A 766 -4.66 -4.69 13.08
C PHE A 766 -4.46 -6.18 12.78
N ILE A 767 -3.21 -6.55 12.53
CA ILE A 767 -2.78 -7.93 12.33
C ILE A 767 -1.56 -8.11 13.20
N LEU A 768 -1.77 -8.62 14.41
CA LEU A 768 -0.70 -8.71 15.38
C LEU A 768 0.06 -10.03 15.18
N PRO A 769 1.41 -9.99 15.13
CA PRO A 769 2.13 -11.24 14.99
C PRO A 769 2.04 -12.04 16.25
N HIS A 770 1.84 -13.34 16.07
CA HIS A 770 1.64 -14.25 17.20
C HIS A 770 3.04 -14.79 17.59
N ARG A 771 3.73 -14.03 18.40
CA ARG A 771 5.15 -14.37 18.71
C ARG A 771 5.34 -14.93 20.12
N PRO A 772 6.29 -15.87 20.29
CA PRO A 772 6.56 -16.48 21.57
C PRO A 772 7.40 -15.60 22.47
N ASP A 773 7.84 -14.44 22.00
CA ASP A 773 8.48 -13.47 22.87
C ASP A 773 7.98 -12.08 22.47
N ASN A 774 8.28 -11.10 23.31
CA ASN A 774 8.06 -9.72 23.00
C ASN A 774 9.36 -8.97 22.72
N ASP A 775 10.27 -9.63 22.05
CA ASP A 775 11.55 -8.96 21.68
C ASP A 775 11.42 -7.76 20.79
N GLU A 776 10.36 -7.74 20.00
CA GLU A 776 10.03 -6.58 19.19
C GLU A 776 9.79 -5.33 20.04
N SER A 777 9.25 -5.48 21.25
CA SER A 777 8.94 -4.28 22.00
C SER A 777 9.99 -4.11 23.11
N CYS A 778 10.86 -3.12 22.94
CA CYS A 778 12.00 -2.91 23.89
C CYS A 778 11.59 -2.60 25.34
N ASN A 779 10.41 -2.03 25.52
CA ASN A 779 9.86 -1.76 26.86
CA ASN A 779 9.88 -1.76 26.87
C ASN A 779 8.90 -2.82 27.40
N SER A 780 8.94 -4.03 26.86
CA SER A 780 7.95 -5.07 27.27
C SER A 780 8.02 -5.56 28.71
N SER A 781 9.13 -5.31 29.40
CA SER A 781 9.27 -5.67 30.83
CA SER A 781 9.20 -5.70 30.83
C SER A 781 8.38 -4.74 31.67
N GLU A 782 7.93 -3.64 31.08
CA GLU A 782 7.11 -2.69 31.80
C GLU A 782 5.63 -3.12 31.73
N ASP A 783 4.77 -2.37 32.42
CA ASP A 783 3.32 -2.55 32.37
C ASP A 783 2.81 -2.44 30.92
N GLU A 784 1.93 -3.37 30.55
CA GLU A 784 1.24 -3.35 29.23
C GLU A 784 0.80 -1.95 28.76
N SER A 785 0.39 -1.08 29.70
CA SER A 785 -0.03 0.30 29.35
C SER A 785 1.09 1.19 28.73
N LYS A 786 2.32 0.68 28.77
CA LYS A 786 3.48 1.42 28.27
C LYS A 786 3.96 0.93 26.91
N TRP A 787 3.43 -0.21 26.44
CA TRP A 787 3.95 -0.74 25.20
C TRP A 787 2.97 -1.44 24.27
N VAL A 788 1.89 -1.99 24.81
CA VAL A 788 0.97 -2.80 23.98
C VAL A 788 0.33 -1.99 22.87
N GLU A 789 -0.20 -0.82 23.21
CA GLU A 789 -0.94 -0.10 22.25
C GLU A 789 0.02 0.37 21.13
N GLU A 790 1.25 0.72 21.50
CA GLU A 790 2.31 1.11 20.55
C GLU A 790 2.58 -0.04 19.51
N LEU A 791 2.73 -1.27 20.02
CA LEU A 791 2.81 -2.46 19.16
C LEU A 791 1.61 -2.62 18.19
N MET A 792 0.40 -2.53 18.72
CA MET A 792 -0.80 -2.64 17.88
C MET A 792 -0.87 -1.63 16.79
N LYS A 793 -0.49 -0.38 17.14
CA LYS A 793 -0.37 0.72 16.18
C LYS A 793 0.60 0.42 15.03
N MET A 794 1.77 -0.15 15.36
CA MET A 794 2.79 -0.55 14.39
CA MET A 794 2.78 -0.55 14.37
C MET A 794 2.24 -1.59 13.39
N HIS A 795 1.30 -2.42 13.88
CA HIS A 795 0.70 -3.49 13.09
C HIS A 795 -0.72 -3.20 12.62
N THR A 796 -1.01 -1.91 12.49
CA THR A 796 -2.25 -1.44 11.90
C THR A 796 -2.37 -2.07 10.50
N ALA A 797 -3.61 -2.31 10.07
CA ALA A 797 -3.80 -2.97 8.79
C ALA A 797 -5.04 -2.51 8.05
N ARG A 798 -5.14 -2.78 6.74
CA ARG A 798 -6.41 -2.51 6.03
C ARG A 798 -7.30 -3.71 6.18
N VAL A 799 -8.60 -3.50 6.18
CA VAL A 799 -9.49 -4.64 6.04
C VAL A 799 -9.11 -5.60 4.88
N ARG A 800 -8.79 -5.04 3.72
N ARG A 800 -8.80 -5.05 3.69
CA ARG A 800 -8.39 -5.81 2.55
CA ARG A 800 -8.37 -5.83 2.52
C ARG A 800 -7.20 -6.72 2.85
C ARG A 800 -7.19 -6.73 2.85
N ASP A 801 -6.27 -6.27 3.69
CA ASP A 801 -5.05 -7.14 4.04
C ASP A 801 -5.53 -8.38 4.77
N ILE A 802 -6.46 -8.14 5.73
CA ILE A 802 -7.06 -9.29 6.45
C ILE A 802 -7.86 -10.23 5.50
N GLU A 803 -8.55 -9.65 4.54
CA GLU A 803 -9.33 -10.44 3.59
C GLU A 803 -8.39 -11.38 2.81
N HIS A 804 -7.26 -10.85 2.33
CA HIS A 804 -6.30 -11.70 1.59
C HIS A 804 -5.82 -12.82 2.52
N LEU A 805 -5.55 -12.49 3.79
CA LEU A 805 -4.91 -13.42 4.72
C LEU A 805 -5.87 -14.47 5.25
N THR A 806 -7.17 -14.27 5.00
CA THR A 806 -8.24 -15.17 5.57
C THR A 806 -9.20 -15.82 4.55
N GLY A 807 -9.27 -15.26 3.38
CA GLY A 807 -10.20 -15.74 2.33
C GLY A 807 -11.62 -15.42 2.78
N LEU A 808 -11.74 -14.37 3.63
CA LEU A 808 -13.10 -13.89 4.03
C LEU A 808 -13.42 -12.58 3.33
N ASP A 809 -14.68 -12.32 3.13
CA ASP A 809 -15.11 -11.04 2.59
C ASP A 809 -16.09 -10.38 3.58
N PHE A 810 -15.77 -9.18 4.06
CA PHE A 810 -16.54 -8.48 5.15
C PHE A 810 -17.50 -7.42 4.59
N TYR A 811 -18.29 -6.83 5.48
CA TYR A 811 -19.25 -5.75 5.14
C TYR A 811 -20.18 -6.13 3.99
N ARG A 812 -20.69 -7.38 4.03
CA ARG A 812 -21.51 -7.94 2.97
C ARG A 812 -22.90 -7.32 3.02
N LYS A 813 -23.35 -6.87 4.18
CA LYS A 813 -24.74 -6.30 4.33
C LYS A 813 -24.73 -4.99 5.07
N THR A 814 -24.70 -3.90 4.33
CA THR A 814 -24.73 -2.58 4.93
C THR A 814 -25.69 -1.78 4.07
N SER A 815 -25.92 -0.55 4.50
CA SER A 815 -26.77 0.30 3.69
C SER A 815 -25.89 1.18 2.78
N ARG A 816 -24.56 0.95 2.78
CA ARG A 816 -23.66 1.80 1.93
C ARG A 816 -23.44 1.28 0.52
N SER A 817 -23.09 2.15 -0.44
CA SER A 817 -22.74 1.68 -1.78
C SER A 817 -21.44 0.78 -1.72
N TYR A 818 -21.33 -0.11 -2.71
CA TYR A 818 -20.27 -1.10 -2.70
C TYR A 818 -18.96 -0.36 -2.92
N SER A 819 -18.96 0.63 -3.83
CA SER A 819 -17.75 1.44 -4.03
CA SER A 819 -17.75 1.44 -4.05
C SER A 819 -17.26 2.09 -2.75
N GLU A 820 -18.18 2.55 -1.92
CA GLU A 820 -17.82 3.17 -0.67
C GLU A 820 -17.21 2.15 0.31
N ILE A 821 -17.81 0.97 0.30
CA ILE A 821 -17.34 -0.16 1.16
C ILE A 821 -15.92 -0.56 0.70
N LEU A 822 -15.75 -0.59 -0.60
CA LEU A 822 -14.37 -0.87 -1.12
C LEU A 822 -13.33 0.17 -0.67
N THR A 823 -13.68 1.47 -0.67
CA THR A 823 -12.81 2.48 -0.11
C THR A 823 -12.57 2.22 1.39
N LEU A 824 -13.61 1.86 2.13
CA LEU A 824 -13.49 1.63 3.58
C LEU A 824 -12.53 0.42 3.79
N LYS A 825 -12.59 -0.58 2.91
CA LYS A 825 -11.78 -1.80 3.12
C LYS A 825 -10.30 -1.46 2.80
N THR A 826 -10.06 -0.44 1.96
CA THR A 826 -8.65 -0.07 1.74
C THR A 826 -8.07 0.95 2.71
N TYR A 827 -8.91 1.56 3.57
CA TYR A 827 -8.45 2.49 4.56
C TYR A 827 -7.37 1.88 5.48
N LEU A 828 -6.34 2.66 5.77
CA LEU A 828 -5.36 2.29 6.78
C LEU A 828 -5.35 3.39 7.90
N HIS A 829 -5.54 3.05 9.18
CA HIS A 829 -5.42 4.05 10.23
C HIS A 829 -3.92 4.11 10.55
N THR A 830 -3.28 5.26 10.36
N THR A 830 -3.30 5.22 10.18
CA THR A 830 -1.81 5.29 10.39
CA THR A 830 -1.97 5.46 10.67
C THR A 830 -1.16 5.73 11.70
C THR A 830 -2.20 6.38 11.85
N TYR A 831 -1.93 6.48 12.50
N TYR A 831 -1.27 6.32 12.75
CA TYR A 831 -1.48 6.96 13.81
CA TYR A 831 -1.44 7.08 13.96
C TYR A 831 -0.27 7.92 13.73
C TYR A 831 -0.55 8.29 13.86
N GLU A 832 -0.19 8.65 12.61
CA GLU A 832 0.79 9.72 12.41
C GLU A 832 0.06 11.00 12.88
N SER A 833 0.78 11.96 13.45
CA SER A 833 0.12 13.25 13.76
C SER A 833 -0.29 14.06 12.48
N GLU A 834 -0.92 15.22 12.70
CA GLU A 834 -1.45 16.05 11.62
C GLU A 834 -0.37 16.67 10.71
C1 NAG B . -0.64 -8.99 -5.42
C2 NAG B . -0.98 -10.22 -4.59
C3 NAG B . -0.25 -11.43 -5.20
C4 NAG B . -0.56 -11.65 -6.67
C5 NAG B . -0.40 -10.32 -7.45
C6 NAG B . -0.85 -10.46 -8.91
C7 NAG B . -1.49 -9.97 -2.23
C8 NAG B . -0.91 -9.77 -0.85
N2 NAG B . -0.57 -9.96 -3.22
O3 NAG B . -0.58 -12.67 -4.51
O4 NAG B . 0.50 -12.45 -7.22
O5 NAG B . -1.08 -9.25 -6.79
O6 NAG B . -2.23 -10.93 -8.88
O7 NAG B . -2.75 -10.11 -2.48
C1 NAG B . 0.09 -13.65 -7.90
C2 NAG B . 1.28 -14.05 -8.76
C3 NAG B . 0.91 -15.34 -9.47
C4 NAG B . 0.52 -16.47 -8.50
C5 NAG B . -0.50 -16.02 -7.43
C6 NAG B . -0.53 -17.05 -6.26
C7 NAG B . 2.52 -12.06 -9.57
C8 NAG B . 2.65 -11.08 -10.74
N2 NAG B . 1.58 -13.00 -9.73
O3 NAG B . 2.05 -15.73 -10.29
O4 NAG B . -0.02 -17.57 -9.24
O5 NAG B . -0.19 -14.69 -6.96
O6 NAG B . 0.63 -16.92 -5.40
O7 NAG B . 3.25 -11.98 -8.57
C1 BMA B . 0.98 -18.61 -9.37
C2 BMA B . 0.30 -19.98 -9.26
C3 BMA B . 1.26 -21.14 -9.69
C4 BMA B . 1.94 -20.83 -11.05
C5 BMA B . 2.58 -19.43 -11.12
C6 BMA B . 2.95 -19.02 -12.55
O2 BMA B . -0.92 -19.88 -10.01
O3 BMA B . 0.60 -22.45 -9.72
O4 BMA B . 3.01 -21.74 -11.35
O5 BMA B . 1.72 -18.40 -10.61
O6 BMA B . 3.91 -17.98 -12.37
C1 MAN B . 4.35 -17.24 -13.54
C2 MAN B . 5.40 -16.21 -13.02
C3 MAN B . 4.72 -14.89 -12.51
C4 MAN B . 3.79 -14.32 -13.63
C5 MAN B . 2.71 -15.35 -14.06
C6 MAN B . 1.67 -14.85 -15.13
O2 MAN B . 6.40 -15.88 -14.01
O3 MAN B . 5.66 -13.86 -12.13
O4 MAN B . 3.25 -13.05 -13.27
O5 MAN B . 3.35 -16.64 -14.42
O6 MAN B . 2.16 -14.25 -16.36
C1 MAN B . 6.48 -14.05 -10.94
C2 MAN B . 6.77 -12.69 -10.22
C3 MAN B . 7.67 -11.79 -11.08
C4 MAN B . 8.96 -12.51 -11.57
C5 MAN B . 8.79 -14.02 -11.89
C6 MAN B . 10.12 -14.71 -11.60
O2 MAN B . 7.49 -12.91 -8.97
O3 MAN B . 8.05 -10.59 -10.37
O4 MAN B . 9.49 -11.78 -12.68
O5 MAN B . 7.75 -14.73 -11.15
O6 MAN B . 10.09 -15.98 -12.24
C1 MAN B . 6.60 -12.93 -7.85
C2 MAN B . 7.43 -12.81 -6.59
C3 MAN B . 8.06 -14.16 -6.24
C4 MAN B . 7.07 -15.34 -6.22
C5 MAN B . 6.26 -15.40 -7.54
C6 MAN B . 5.17 -16.50 -7.61
O2 MAN B . 6.58 -12.39 -5.54
O3 MAN B . 8.77 -14.01 -5.01
O4 MAN B . 7.77 -16.58 -6.03
O5 MAN B . 5.69 -14.08 -7.81
O6 MAN B . 4.72 -16.67 -8.96
C1 MAN B . 0.80 -23.40 -8.61
C2 MAN B . 0.89 -24.87 -9.15
C3 MAN B . -0.48 -25.55 -9.43
C4 MAN B . -1.56 -25.28 -8.38
C5 MAN B . -1.54 -23.81 -7.89
C6 MAN B . -2.57 -23.59 -6.79
O2 MAN B . 1.63 -25.76 -8.28
O3 MAN B . -0.32 -26.98 -9.50
O4 MAN B . -2.85 -25.65 -8.94
O5 MAN B . -0.20 -23.32 -7.54
O6 MAN B . -3.80 -23.17 -7.40
C1 MAN B . 2.84 -26.24 -8.91
C2 MAN B . 3.25 -27.69 -8.48
C3 MAN B . 3.86 -27.66 -7.04
C4 MAN B . 4.97 -26.57 -6.92
C5 MAN B . 4.39 -25.20 -7.34
C6 MAN B . 5.31 -23.99 -7.19
O2 MAN B . 4.09 -28.27 -9.50
O3 MAN B . 4.30 -28.92 -6.43
O4 MAN B . 5.48 -26.58 -5.57
O5 MAN B . 3.94 -25.31 -8.72
O6 MAN B . 6.42 -24.10 -8.10
C10 XTB C . 15.72 3.91 -16.63
C13 XTB C . 14.39 6.54 -15.66
C16 XTB C . 12.35 7.40 -14.58
C17 XTB C . 15.07 -0.28 -19.28
C18 XTB C . 14.47 -1.02 -18.05
C19 XTB C . 13.73 -2.30 -18.51
C21 XTB C . 13.44 -1.41 -20.84
C22 XTB C . 14.02 -0.07 -20.41
C23 XTB C . 11.42 -2.32 -19.62
C25 XTB C . 10.86 -2.97 -18.34
C26 XTB C . 14.53 7.36 -13.30
C27 XTB C . 11.49 6.19 -14.55
C28 XTB C . 11.90 5.05 -13.81
C1 XTB C . 15.73 1.07 -18.98
C2 XTB C . 16.55 1.58 -20.00
C3 XTB C . 17.02 2.88 -19.90
C4 XTB C . 15.49 1.81 -17.87
C5 XTB C . 15.97 3.11 -17.76
C6 XTB C . 16.74 3.67 -18.83
N7 XTB C . 17.24 4.98 -18.81
C8 XTB C . 16.96 5.76 -17.77
N9 XTB C . 16.22 5.25 -16.68
O11 XTB C . 15.09 3.51 -15.65
C12 XTB C . 15.92 6.20 -15.59
N14 XTB C . 13.81 7.05 -14.54
O15 XTB C . 13.71 6.34 -16.69
N20 XTB C . 12.79 -1.99 -19.63
O24 XTB C . 10.67 -2.12 -20.62
C29 XTB C . 9.66 4.13 -14.37
C30 XTB C . 9.31 5.28 -15.13
C31 XTB C . 10.93 4.02 -13.71
C32 XTB C . 10.24 6.27 -15.19
CL33 XTB C . 11.21 2.67 -12.69
C34 XTB C . 8.71 3.09 -14.26
N35 XTB C . 7.92 2.22 -14.19
O36 XTB C . 9.43 -2.91 -18.35
C37 XTB C . 9.27 -4.34 -18.35
C38 XTB C . 10.78 -4.52 -18.53
CL CL D . 17.19 -0.09 -1.50
C ACT E . 9.51 5.54 11.80
O ACT E . 8.34 5.39 12.25
OXT ACT E . 10.24 6.53 12.13
CH3 ACT E . 10.09 4.50 10.84
CA CA F . 12.34 8.94 -6.30
K K G . 0.87 -25.20 27.82
ZN ZN H . 15.96 10.19 -3.95
NA NA I . 11.05 -6.90 24.92
CA CA J . 0.18 -17.92 2.87
#